data_3N29
#
_entry.id   3N29
#
_cell.length_a   144.498
_cell.length_b   144.498
_cell.length_c   79.901
_cell.angle_alpha   90.00
_cell.angle_beta   90.00
_cell.angle_gamma   90.00
#
_symmetry.space_group_name_H-M   'P 43 21 2'
#
loop_
_entity.id
_entity.type
_entity.pdbx_description
1 polymer 'Carboxynorspermidine decarboxylase'
2 non-polymer "PYRIDOXAL-5'-PHOSPHATE"
3 non-polymer N-(3-aminopropyl)propane-1,3-diamine
4 non-polymer GLYCEROL
5 water water
#
_entity_poly.entity_id   1
_entity_poly.type   'polypeptide(L)'
_entity_poly.pdbx_seq_one_letter_code
;MRGSHHHHHHGMASMTGGQQMGRDLYDDDDKDHPFTMFYEKIQTPAYILEEDKLRKNCELLASVGEKSGAKVLLALKGFA
FSGAMKIVGEYLKGCTCSGLWEAKFAKEYMDKEIHTYSPAFKEDEIGEIASLSHHIVFNSLAQFHKFQSKTQKNSLGLRC
NVEFSLAPKELYNPCGRYSRLGIRAKDFENVDLNAIEGLHFHALCEESADALEAVLKVFEEKFGKWIGQMKWVNFGGGHH
ITKKGYDVEKLIALCKNFSDKYGVQVYLEPGEAVGWQTGNLVASVVDIIENEKQIAILDTSSEAHMPDTIIMPYTSEVLN
ARILATRENEKISDLKENEFAYLLTGNTCLAGDVMGEYAFDKKLKIGDKIVFLDQIHYTIVKNTTFNGIRLPNLMLLDHK
NELQMIREFSYKDYSLRN
;
_entity_poly.pdbx_strand_id   A,B
#
# COMPACT_ATOMS: atom_id res chain seq x y z
N PHE A 38 21.81 -3.29 -18.20
CA PHE A 38 20.89 -2.88 -19.30
C PHE A 38 19.60 -3.72 -19.49
N TYR A 39 18.61 -3.11 -20.13
CA TYR A 39 17.18 -3.45 -20.01
C TYR A 39 16.41 -4.25 -21.11
N GLU A 40 16.83 -4.27 -22.39
CA GLU A 40 15.92 -4.79 -23.50
C GLU A 40 15.22 -6.17 -23.39
N LYS A 41 15.89 -7.24 -22.94
CA LYS A 41 15.22 -8.58 -22.99
C LYS A 41 14.32 -8.89 -21.75
N ILE A 42 14.29 -7.99 -20.78
CA ILE A 42 13.63 -8.30 -19.51
C ILE A 42 12.10 -8.36 -19.56
N GLN A 43 11.52 -9.21 -18.73
CA GLN A 43 10.11 -9.19 -18.47
C GLN A 43 9.96 -7.87 -17.66
N THR A 44 8.94 -7.08 -17.99
CA THR A 44 8.64 -5.87 -17.20
C THR A 44 7.33 -6.12 -16.55
N PRO A 45 7.07 -5.49 -15.42
CA PRO A 45 7.98 -4.55 -14.80
C PRO A 45 9.00 -5.17 -13.90
N ALA A 46 10.03 -4.40 -13.56
CA ALA A 46 11.08 -4.95 -12.70
C ALA A 46 11.73 -3.82 -11.89
N TYR A 47 12.02 -4.02 -10.62
CA TYR A 47 12.88 -3.10 -9.92
C TYR A 47 14.32 -3.62 -10.12
N ILE A 48 15.24 -2.77 -10.53
CA ILE A 48 16.61 -3.17 -10.80
C ILE A 48 17.61 -2.40 -9.95
N LEU A 49 18.14 -3.08 -8.98
CA LEU A 49 19.19 -2.48 -8.11
C LEU A 49 20.53 -2.60 -8.77
N GLU A 50 21.34 -1.55 -8.68
CA GLU A 50 22.63 -1.51 -9.33
C GLU A 50 23.70 -1.66 -8.26
N GLU A 51 24.42 -2.79 -8.32
CA GLU A 51 25.43 -3.08 -7.32
C GLU A 51 26.43 -1.96 -7.16
N ASP A 52 26.95 -1.44 -8.27
CA ASP A 52 27.95 -0.39 -8.24
C ASP A 52 27.48 0.84 -7.43
N LYS A 53 26.21 1.24 -7.60
CA LYS A 53 25.65 2.39 -6.87
C LYS A 53 25.46 2.09 -5.42
N LEU A 54 24.98 0.88 -5.12
CA LEU A 54 24.81 0.48 -3.74
C LEU A 54 26.17 0.50 -3.04
N ARG A 55 27.14 -0.08 -3.71
CA ARG A 55 28.49 -0.13 -3.09
C ARG A 55 29.10 1.25 -2.82
N LYS A 56 28.89 2.21 -3.71
CA LYS A 56 29.30 3.61 -3.52
C LYS A 56 28.66 4.22 -2.29
N ASN A 57 27.34 4.04 -2.13
CA ASN A 57 26.70 4.48 -0.89
C ASN A 57 27.26 3.82 0.39
N CYS A 58 27.44 2.53 0.37
CA CYS A 58 27.95 1.82 1.48
C CYS A 58 29.41 2.17 1.81
N GLU A 59 30.22 2.38 0.80
CA GLU A 59 31.62 2.84 1.00
C GLU A 59 31.61 4.09 1.85
N LEU A 60 30.74 5.04 1.46
CA LEU A 60 30.61 6.31 2.12
C LEU A 60 30.14 6.18 3.55
N LEU A 61 29.12 5.36 3.81
CA LEU A 61 28.62 5.09 5.15
C LEU A 61 29.69 4.36 5.99
N ALA A 62 30.38 3.42 5.40
CA ALA A 62 31.57 2.80 6.06
C ALA A 62 32.66 3.83 6.40
N SER A 63 32.90 4.82 5.55
CA SER A 63 33.82 5.93 5.81
C SER A 63 33.45 6.76 7.05
N VAL A 64 32.15 7.03 7.20
CA VAL A 64 31.66 7.73 8.40
C VAL A 64 31.96 6.92 9.63
N GLY A 65 31.69 5.61 9.60
CA GLY A 65 31.96 4.76 10.73
C GLY A 65 33.48 4.74 11.06
N GLU A 66 34.27 4.56 10.01
CA GLU A 66 35.76 4.56 10.07
C GLU A 66 36.29 5.83 10.73
N LYS A 67 35.86 6.99 10.28
CA LYS A 67 36.37 8.25 10.78
C LYS A 67 35.77 8.73 12.14
N SER A 68 34.51 8.38 12.46
CA SER A 68 33.81 8.90 13.66
C SER A 68 33.84 7.91 14.84
N GLY A 69 34.12 6.64 14.57
CA GLY A 69 33.95 5.54 15.53
C GLY A 69 32.48 5.07 15.66
N ALA A 70 31.51 5.77 15.03
CA ALA A 70 30.09 5.35 15.14
C ALA A 70 29.94 4.05 14.43
N LYS A 71 28.98 3.22 14.87
CA LYS A 71 28.67 1.96 14.20
C LYS A 71 27.39 2.16 13.33
N VAL A 72 27.45 1.85 12.04
CA VAL A 72 26.32 2.16 11.15
C VAL A 72 25.51 0.92 10.89
N LEU A 73 24.19 1.04 11.01
CA LEU A 73 23.24 -0.03 10.80
C LEU A 73 22.30 0.28 9.63
N LEU A 74 21.84 -0.77 8.94
CA LEU A 74 20.81 -0.60 7.88
C LEU A 74 19.47 -0.64 8.62
N ALA A 75 18.67 0.41 8.48
CA ALA A 75 17.25 0.38 8.94
C ALA A 75 16.38 -0.32 7.85
N LEU A 76 15.95 -1.55 8.12
CA LEU A 76 15.22 -2.41 7.15
C LEU A 76 13.83 -1.82 6.69
N LYS A 77 13.27 -0.92 7.47
CA LYS A 77 12.02 -0.25 7.13
C LYS A 77 12.00 0.23 5.70
N GLY A 78 13.05 0.91 5.29
CA GLY A 78 13.06 1.49 3.95
C GLY A 78 13.74 0.65 2.87
N PHE A 79 14.70 -0.17 3.25
CA PHE A 79 15.51 -0.88 2.27
C PHE A 79 15.81 -2.26 2.83
N ALA A 80 15.28 -3.29 2.16
CA ALA A 80 15.43 -4.64 2.66
C ALA A 80 15.72 -5.57 1.50
N PHE A 81 16.45 -5.11 0.49
CA PHE A 81 16.55 -5.87 -0.80
C PHE A 81 17.34 -7.16 -0.55
N SER A 82 16.66 -8.31 -0.62
CA SER A 82 17.20 -9.54 -0.05
C SER A 82 18.50 -9.87 -0.78
N GLY A 83 18.52 -9.63 -2.09
CA GLY A 83 19.69 -9.89 -2.89
C GLY A 83 20.90 -9.06 -2.64
N ALA A 84 20.75 -8.04 -1.80
CA ALA A 84 21.82 -7.08 -1.54
C ALA A 84 22.27 -7.13 -0.09
N MET A 85 21.60 -7.93 0.75
CA MET A 85 21.91 -7.91 2.17
C MET A 85 23.38 -8.34 2.44
N LYS A 86 23.91 -9.33 1.72
CA LYS A 86 25.28 -9.74 2.00
C LYS A 86 26.27 -8.63 1.59
N ILE A 87 25.96 -7.95 0.47
CA ILE A 87 26.77 -6.83 0.03
C ILE A 87 26.77 -5.73 1.08
N VAL A 88 25.58 -5.36 1.52
CA VAL A 88 25.51 -4.33 2.56
C VAL A 88 26.33 -4.76 3.83
N GLY A 89 26.23 -6.03 4.19
CA GLY A 89 27.01 -6.50 5.38
C GLY A 89 28.54 -6.45 5.31
N GLU A 90 29.06 -6.21 4.13
CA GLU A 90 30.50 -6.04 3.92
C GLU A 90 30.91 -4.73 4.49
N TYR A 91 29.93 -3.83 4.55
CA TYR A 91 30.20 -2.50 4.95
C TYR A 91 29.63 -2.06 6.30
N LEU A 92 28.41 -2.45 6.63
CA LEU A 92 27.70 -1.95 7.81
C LEU A 92 27.78 -3.01 8.93
N LYS A 93 27.42 -2.64 10.14
CA LYS A 93 27.56 -3.55 11.25
C LYS A 93 26.38 -4.41 11.51
N GLY A 94 25.22 -4.07 10.95
CA GLY A 94 24.09 -4.90 11.25
C GLY A 94 22.84 -4.18 10.78
N CYS A 95 21.68 -4.60 11.31
CA CYS A 95 20.36 -4.06 10.91
C CYS A 95 19.58 -3.56 12.13
N THR A 96 18.83 -2.50 11.89
CA THR A 96 17.82 -2.07 12.82
C THR A 96 16.46 -2.55 12.33
N CYS A 97 15.72 -3.11 13.27
CA CYS A 97 14.51 -3.88 13.04
C CYS A 97 13.37 -3.41 13.90
N SER A 98 12.17 -3.47 13.38
CA SER A 98 11.03 -2.98 14.09
C SER A 98 10.29 -4.05 14.93
N GLY A 99 10.73 -5.27 14.88
CA GLY A 99 9.90 -6.37 15.38
C GLY A 99 10.43 -7.67 14.93
N LEU A 100 9.59 -8.70 15.06
CA LEU A 100 9.99 -10.11 14.88
C LEU A 100 10.36 -10.39 13.43
N TRP A 101 9.49 -9.96 12.50
CA TRP A 101 9.71 -10.31 11.13
C TRP A 101 10.98 -9.62 10.58
N GLU A 102 11.23 -8.36 10.92
CA GLU A 102 12.44 -7.71 10.46
C GLU A 102 13.69 -8.35 11.12
N ALA A 103 13.60 -8.70 12.40
CA ALA A 103 14.73 -9.35 13.13
C ALA A 103 15.05 -10.69 12.48
N LYS A 104 14.02 -11.49 12.22
CA LYS A 104 14.27 -12.78 11.48
C LYS A 104 14.89 -12.59 10.11
N PHE A 105 14.48 -11.56 9.38
CA PHE A 105 15.05 -11.23 8.05
C PHE A 105 16.54 -10.84 8.16
N ALA A 106 16.83 -9.96 9.11
CA ALA A 106 18.20 -9.59 9.48
C ALA A 106 19.04 -10.82 9.80
N LYS A 107 18.51 -11.71 10.65
CA LYS A 107 19.19 -12.95 10.97
C LYS A 107 19.46 -13.81 9.73
N GLU A 108 18.43 -14.01 8.93
CA GLU A 108 18.60 -14.87 7.80
C GLU A 108 19.50 -14.35 6.70
N TYR A 109 19.21 -13.19 6.17
CA TYR A 109 20.01 -12.49 5.22
C TYR A 109 21.37 -11.86 5.43
N MET A 110 21.53 -11.20 6.57
CA MET A 110 22.79 -10.58 6.98
C MET A 110 23.63 -11.29 8.04
N ASP A 111 22.96 -11.78 9.07
CA ASP A 111 23.58 -12.45 10.20
C ASP A 111 24.67 -11.66 10.95
N LYS A 112 24.44 -10.39 11.10
CA LYS A 112 25.31 -9.49 11.82
C LYS A 112 24.53 -8.92 13.02
N GLU A 113 24.91 -7.78 13.55
CA GLU A 113 24.21 -7.25 14.72
C GLU A 113 22.72 -6.95 14.41
N ILE A 114 21.88 -7.20 15.38
CA ILE A 114 20.46 -6.99 15.24
C ILE A 114 19.98 -6.09 16.38
N HIS A 115 19.38 -4.97 16.02
CA HIS A 115 18.86 -4.00 16.94
C HIS A 115 17.37 -3.82 16.69
N THR A 116 16.59 -4.10 17.69
CA THR A 116 15.14 -4.09 17.58
C THR A 116 14.47 -3.03 18.46
N TYR A 117 13.53 -2.31 17.87
CA TYR A 117 12.81 -1.27 18.53
C TYR A 117 11.40 -1.44 18.04
N SER A 118 10.44 -1.34 18.95
CA SER A 118 9.04 -1.34 18.54
C SER A 118 8.24 -0.45 19.45
N PRO A 119 7.26 0.28 18.92
CA PRO A 119 6.35 0.97 19.86
C PRO A 119 5.48 0.07 20.69
N ALA A 120 5.38 -1.19 20.30
CA ALA A 120 4.37 -2.15 20.75
C ALA A 120 4.85 -3.57 20.81
N PHE A 121 5.84 -3.96 21.63
CA PHE A 121 6.24 -5.40 21.71
C PHE A 121 5.12 -6.25 22.30
N LYS A 122 4.99 -7.48 21.82
CA LYS A 122 3.93 -8.36 22.33
C LYS A 122 4.53 -9.59 23.06
N GLU A 123 3.79 -10.14 24.01
CA GLU A 123 4.27 -11.31 24.73
C GLU A 123 4.61 -12.52 23.90
N ASP A 124 3.88 -12.76 22.81
CA ASP A 124 4.03 -13.98 22.01
C ASP A 124 5.31 -13.92 21.17
N GLU A 125 5.94 -12.77 21.14
CA GLU A 125 7.05 -12.60 20.21
C GLU A 125 8.35 -12.23 20.91
N ILE A 126 8.24 -11.75 22.16
CA ILE A 126 9.38 -11.23 22.91
C ILE A 126 10.48 -12.27 23.07
N GLY A 127 10.08 -13.52 23.23
CA GLY A 127 11.04 -14.63 23.37
C GLY A 127 11.96 -14.76 22.18
N GLU A 128 11.36 -14.82 21.00
CA GLU A 128 12.16 -15.02 19.83
C GLU A 128 12.98 -13.70 19.51
N ILE A 129 12.37 -12.53 19.76
CA ILE A 129 13.07 -11.25 19.56
C ILE A 129 14.30 -11.16 20.47
N ALA A 130 14.12 -11.56 21.72
CA ALA A 130 15.24 -11.65 22.64
C ALA A 130 16.35 -12.60 22.17
N SER A 131 16.02 -13.74 21.60
CA SER A 131 17.09 -14.70 21.22
C SER A 131 17.86 -14.15 20.01
N LEU A 132 17.26 -13.28 19.21
CA LEU A 132 17.90 -12.78 18.02
C LEU A 132 18.68 -11.46 18.22
N SER A 133 18.19 -10.59 19.11
CA SER A 133 18.66 -9.19 19.14
C SER A 133 19.85 -8.94 20.01
N HIS A 134 20.77 -8.10 19.55
CA HIS A 134 21.84 -7.61 20.42
C HIS A 134 21.38 -6.49 21.34
N HIS A 135 20.67 -5.51 20.76
CA HIS A 135 20.03 -4.45 21.49
C HIS A 135 18.50 -4.54 21.35
N ILE A 136 17.79 -4.23 22.44
CA ILE A 136 16.35 -4.01 22.40
C ILE A 136 16.04 -2.62 22.97
N VAL A 137 15.24 -1.85 22.24
CA VAL A 137 14.95 -0.48 22.67
C VAL A 137 13.48 -0.43 22.88
N PHE A 138 13.12 -0.03 24.09
CA PHE A 138 11.69 0.12 24.42
C PHE A 138 11.16 1.53 24.17
N ASN A 139 9.86 1.59 23.88
CA ASN A 139 9.16 2.83 23.61
C ASN A 139 8.56 3.55 24.87
N SER A 140 8.42 2.84 25.99
CA SER A 140 7.86 3.39 27.19
C SER A 140 8.44 2.62 28.40
N LEU A 141 8.28 3.20 29.59
CA LEU A 141 8.74 2.55 30.83
C LEU A 141 7.95 1.28 31.12
N ALA A 142 6.63 1.32 30.85
CA ALA A 142 5.74 0.15 31.03
C ALA A 142 6.23 -1.04 30.21
N GLN A 143 6.58 -0.80 28.94
CA GLN A 143 7.02 -1.88 28.07
C GLN A 143 8.37 -2.42 28.59
N PHE A 144 9.26 -1.52 28.98
CA PHE A 144 10.54 -1.91 29.58
C PHE A 144 10.26 -2.75 30.85
N HIS A 145 9.44 -2.24 31.73
CA HIS A 145 9.23 -2.98 32.99
C HIS A 145 8.58 -4.35 32.72
N LYS A 146 7.74 -4.44 31.70
CA LYS A 146 6.99 -5.67 31.45
C LYS A 146 7.97 -6.76 30.91
N PHE A 147 8.94 -6.35 30.11
CA PHE A 147 9.78 -7.30 29.39
C PHE A 147 11.21 -7.38 29.88
N GLN A 148 11.52 -6.62 30.92
CA GLN A 148 12.86 -6.65 31.49
C GLN A 148 13.29 -8.09 31.82
N SER A 149 12.41 -8.86 32.44
CA SER A 149 12.82 -10.20 32.91
C SER A 149 12.95 -11.24 31.77
N LYS A 150 12.42 -10.96 30.59
CA LYS A 150 12.56 -11.85 29.44
C LYS A 150 13.69 -11.38 28.51
N THR A 151 14.37 -10.30 28.88
CA THR A 151 15.40 -9.73 28.01
C THR A 151 16.75 -9.57 28.74
N GLN A 152 17.09 -10.50 29.63
CA GLN A 152 18.27 -10.32 30.48
C GLN A 152 19.58 -10.44 29.72
N LYS A 153 19.58 -11.09 28.58
CA LYS A 153 20.81 -11.28 27.81
C LYS A 153 20.97 -10.23 26.71
N ASN A 154 20.04 -9.30 26.62
CA ASN A 154 20.10 -8.25 25.62
C ASN A 154 20.51 -6.93 26.26
N SER A 155 21.04 -6.01 25.46
CA SER A 155 21.36 -4.67 25.92
C SER A 155 20.15 -3.81 25.68
N LEU A 156 19.70 -3.20 26.74
CA LEU A 156 18.37 -2.57 26.74
C LEU A 156 18.55 -1.08 26.62
N GLY A 157 17.73 -0.51 25.74
CA GLY A 157 17.71 0.95 25.58
C GLY A 157 16.29 1.48 25.71
N LEU A 158 16.20 2.79 25.86
CA LEU A 158 14.93 3.52 25.80
C LEU A 158 14.92 4.58 24.71
N ARG A 159 13.79 4.71 24.03
CA ARG A 159 13.64 5.74 23.04
C ARG A 159 13.17 7.02 23.71
N CYS A 160 13.81 8.12 23.33
CA CYS A 160 13.59 9.45 23.91
C CYS A 160 12.80 10.30 22.91
N ASN A 161 11.76 10.95 23.39
CA ASN A 161 10.95 11.84 22.58
C ASN A 161 11.66 13.17 22.69
N VAL A 162 12.32 13.63 21.65
CA VAL A 162 13.08 14.85 21.81
C VAL A 162 12.23 16.11 21.72
N GLU A 163 11.02 16.01 21.15
CA GLU A 163 10.05 17.15 21.17
C GLU A 163 10.61 18.39 20.45
N PHE A 164 10.77 18.29 19.15
CA PHE A 164 11.41 19.33 18.38
C PHE A 164 10.85 19.42 16.94
N SER A 165 10.93 20.60 16.34
CA SER A 165 10.46 20.82 14.96
C SER A 165 11.52 20.31 13.97
N GLY A 176 4.87 16.33 15.41
CA GLY A 176 5.62 16.20 16.67
C GLY A 176 4.75 16.23 17.93
N ARG A 177 3.70 17.07 17.93
CA ARG A 177 2.85 17.18 19.11
C ARG A 177 2.02 15.91 19.22
N TYR A 178 1.85 15.44 20.43
CA TYR A 178 1.08 14.19 20.69
C TYR A 178 1.78 12.94 20.21
N SER A 179 3.06 13.02 19.84
CA SER A 179 3.74 11.82 19.34
C SER A 179 3.75 10.73 20.40
N ARG A 180 3.52 9.51 19.91
CA ARG A 180 3.52 8.34 20.69
C ARG A 180 4.88 7.74 20.75
N LEU A 181 5.88 8.31 20.07
CA LEU A 181 7.20 7.65 19.95
C LEU A 181 8.18 8.29 20.93
N GLY A 182 8.72 7.42 21.77
CA GLY A 182 9.63 7.77 22.85
C GLY A 182 9.00 8.29 24.13
N ILE A 183 9.85 8.40 25.14
CA ILE A 183 9.55 8.89 26.46
C ILE A 183 10.09 10.36 26.58
N ARG A 184 9.27 11.28 27.12
CA ARG A 184 9.65 12.68 27.26
C ARG A 184 10.56 12.78 28.50
N ALA A 185 11.44 13.77 28.49
CA ALA A 185 12.54 13.81 29.52
C ALA A 185 12.02 13.88 30.97
N LYS A 186 10.88 14.51 31.18
CA LYS A 186 10.30 14.61 32.53
C LYS A 186 9.94 13.24 33.13
N ASP A 187 9.66 12.28 32.26
CA ASP A 187 9.33 10.97 32.73
C ASP A 187 10.57 10.13 33.06
N PHE A 188 11.76 10.66 32.82
CA PHE A 188 12.99 10.00 33.30
C PHE A 188 13.29 10.31 34.74
N GLU A 189 12.64 11.32 35.29
CA GLU A 189 13.09 11.83 36.57
C GLU A 189 12.80 10.79 37.65
N ASN A 190 13.83 10.46 38.43
CA ASN A 190 13.68 9.52 39.55
C ASN A 190 13.26 8.09 39.11
N VAL A 191 13.58 7.72 37.86
CA VAL A 191 13.35 6.35 37.42
C VAL A 191 14.70 5.64 37.58
N ASP A 192 14.65 4.44 38.14
CA ASP A 192 15.79 3.54 38.22
C ASP A 192 16.16 3.08 36.83
N LEU A 193 17.32 3.52 36.34
CA LEU A 193 17.83 3.20 35.00
C LEU A 193 19.01 2.23 35.01
N ASN A 194 19.22 1.55 36.15
CA ASN A 194 20.33 0.59 36.30
C ASN A 194 20.40 -0.44 35.19
N ALA A 195 19.24 -0.95 34.75
CA ALA A 195 19.18 -2.03 33.76
C ALA A 195 19.32 -1.51 32.34
N ILE A 196 19.32 -0.18 32.17
CA ILE A 196 19.29 0.46 30.81
C ILE A 196 20.69 0.87 30.37
N GLU A 197 21.14 0.38 29.21
CA GLU A 197 22.50 0.64 28.74
C GLU A 197 22.56 1.66 27.62
N GLY A 198 21.42 1.98 26.99
CA GLY A 198 21.45 2.93 25.93
C GLY A 198 20.22 3.83 25.82
N LEU A 199 20.42 4.94 25.15
CA LEU A 199 19.32 5.81 24.75
C LEU A 199 19.26 5.93 23.25
N HIS A 200 18.04 6.07 22.75
CA HIS A 200 17.77 6.07 21.34
C HIS A 200 16.89 7.26 20.99
N PHE A 201 17.20 7.98 19.92
CA PHE A 201 16.22 8.86 19.27
C PHE A 201 16.13 8.62 17.76
N HIS A 202 14.98 8.98 17.19
CA HIS A 202 14.81 9.10 15.77
C HIS A 202 13.89 10.26 15.49
N ALA A 203 14.46 11.29 14.89
CA ALA A 203 13.87 12.59 14.85
C ALA A 203 14.00 13.28 13.49
N LEU A 204 14.46 12.57 12.46
CA LEU A 204 14.75 13.19 11.17
C LEU A 204 14.17 12.40 9.99
N CYS A 205 13.98 13.14 8.90
CA CYS A 205 13.59 12.54 7.65
C CYS A 205 14.19 13.30 6.47
N GLU A 206 15.06 12.62 5.71
CA GLU A 206 15.78 13.21 4.54
C GLU A 206 16.47 14.51 4.92
N GLU A 207 17.18 14.49 6.04
CA GLU A 207 17.74 15.73 6.56
C GLU A 207 19.27 15.74 6.57
N SER A 208 19.77 16.95 6.89
CA SER A 208 21.17 17.35 6.87
C SER A 208 21.90 17.14 8.19
N ALA A 209 23.23 17.32 8.13
CA ALA A 209 24.07 17.21 9.31
C ALA A 209 23.75 18.37 10.27
N ASP A 210 23.47 19.56 9.71
CA ASP A 210 22.97 20.72 10.51
C ASP A 210 21.69 20.41 11.26
N ALA A 211 20.74 19.64 10.69
CA ALA A 211 19.54 19.28 11.40
C ALA A 211 19.83 18.29 12.54
N LEU A 212 20.70 17.31 12.33
CA LEU A 212 21.14 16.43 13.47
C LEU A 212 21.81 17.27 14.60
N GLU A 213 22.70 18.19 14.23
CA GLU A 213 23.26 19.16 15.20
C GLU A 213 22.15 19.85 16.08
N ALA A 214 21.13 20.41 15.43
CA ALA A 214 19.99 21.05 16.14
C ALA A 214 19.27 20.05 17.05
N VAL A 215 19.07 18.83 16.61
CA VAL A 215 18.42 17.78 17.46
C VAL A 215 19.33 17.38 18.64
N LEU A 216 20.64 17.25 18.39
CA LEU A 216 21.58 16.87 19.48
C LEU A 216 21.61 17.92 20.53
N LYS A 217 21.59 19.17 20.10
CA LYS A 217 21.53 20.25 21.09
C LYS A 217 20.32 20.11 22.03
N VAL A 218 19.15 19.81 21.46
CA VAL A 218 17.93 19.64 22.26
C VAL A 218 17.97 18.36 23.11
N PHE A 219 18.46 17.29 22.52
CA PHE A 219 18.64 16.04 23.25
C PHE A 219 19.57 16.16 24.47
N GLU A 220 20.72 16.84 24.30
CA GLU A 220 21.61 17.04 25.44
C GLU A 220 21.03 17.97 26.49
N GLU A 221 20.30 18.97 26.04
CA GLU A 221 19.71 19.91 26.97
C GLU A 221 18.68 19.16 27.84
N LYS A 222 17.81 18.36 27.24
CA LYS A 222 16.75 17.71 27.98
C LYS A 222 17.12 16.39 28.68
N PHE A 223 17.99 15.58 28.09
CA PHE A 223 18.28 14.24 28.60
C PHE A 223 19.74 14.08 29.08
N GLY A 224 20.48 15.17 28.95
CA GLY A 224 21.91 15.30 29.33
C GLY A 224 22.36 14.62 30.59
N LYS A 225 21.57 14.77 31.65
CA LYS A 225 21.94 14.26 32.97
C LYS A 225 21.94 12.72 33.02
N TRP A 226 21.31 12.06 32.05
CA TRP A 226 21.31 10.61 32.02
C TRP A 226 22.19 9.96 30.94
N ILE A 227 22.90 10.74 30.12
CA ILE A 227 23.61 10.19 28.97
C ILE A 227 24.95 9.59 29.43
N GLY A 228 25.55 10.21 30.46
CA GLY A 228 26.88 9.81 30.93
C GLY A 228 26.91 8.39 31.48
N GLN A 229 25.77 7.91 31.94
CA GLN A 229 25.73 6.60 32.57
C GLN A 229 25.53 5.47 31.57
N MET A 230 25.30 5.83 30.30
CA MET A 230 24.95 4.83 29.29
C MET A 230 26.22 4.27 28.64
N LYS A 231 26.09 3.10 28.01
CA LYS A 231 27.13 2.51 27.22
C LYS A 231 27.11 2.94 25.72
N TRP A 232 25.89 3.21 25.23
CA TRP A 232 25.67 3.64 23.84
C TRP A 232 24.48 4.57 23.70
N VAL A 233 24.52 5.31 22.59
CA VAL A 233 23.44 6.14 22.16
C VAL A 233 23.25 5.91 20.65
N ASN A 234 21.98 5.83 20.22
CA ASN A 234 21.60 5.58 18.84
C ASN A 234 20.87 6.82 18.31
N PHE A 235 21.42 7.46 17.28
CA PHE A 235 20.91 8.75 16.76
C PHE A 235 19.86 8.51 15.65
N GLY A 236 19.45 7.28 15.52
CA GLY A 236 18.37 6.92 14.57
C GLY A 236 18.73 7.18 13.12
N GLY A 237 17.69 7.34 12.29
CA GLY A 237 17.91 7.46 10.88
C GLY A 237 17.51 8.84 10.41
N GLY A 238 17.21 8.95 9.12
CA GLY A 238 16.88 10.22 8.52
C GLY A 238 18.01 11.10 8.05
N HIS A 239 19.22 10.61 8.16
CA HIS A 239 20.45 11.33 7.78
C HIS A 239 20.64 11.00 6.31
N HIS A 240 20.57 12.02 5.47
CA HIS A 240 20.57 11.82 4.01
C HIS A 240 22.04 11.85 3.59
N ILE A 241 22.80 10.95 4.16
CA ILE A 241 24.25 10.94 4.08
C ILE A 241 24.77 10.80 2.67
N THR A 242 24.04 10.06 1.85
CA THR A 242 24.51 9.74 0.53
C THR A 242 23.90 10.66 -0.56
N LYS A 243 23.15 11.65 -0.17
CA LYS A 243 22.66 12.65 -1.11
C LYS A 243 23.76 13.64 -1.40
N LYS A 244 23.83 14.04 -2.64
CA LYS A 244 24.88 14.97 -3.07
C LYS A 244 24.72 16.25 -2.26
N GLY A 245 25.82 16.77 -1.75
CA GLY A 245 25.75 17.98 -0.95
C GLY A 245 25.73 17.75 0.57
N TYR A 246 25.46 16.54 1.04
CA TYR A 246 25.44 16.31 2.48
C TYR A 246 26.81 16.64 3.09
N ASP A 247 26.80 17.21 4.28
CA ASP A 247 28.05 17.62 4.98
C ASP A 247 28.52 16.45 5.84
N VAL A 248 29.19 15.51 5.17
CA VAL A 248 29.68 14.28 5.76
C VAL A 248 30.68 14.61 6.88
N GLU A 249 31.56 15.55 6.58
CA GLU A 249 32.59 15.96 7.52
C GLU A 249 31.97 16.42 8.83
N LYS A 250 30.90 17.20 8.77
CA LYS A 250 30.25 17.63 9.99
C LYS A 250 29.58 16.49 10.76
N LEU A 251 28.93 15.54 10.06
CA LEU A 251 28.37 14.37 10.72
C LEU A 251 29.43 13.67 11.51
N ILE A 252 30.60 13.47 10.91
CA ILE A 252 31.70 12.73 11.57
C ILE A 252 32.13 13.41 12.91
N ALA A 253 32.38 14.71 12.86
CA ALA A 253 32.69 15.51 14.06
C ALA A 253 31.59 15.41 15.15
N LEU A 254 30.30 15.51 14.77
CA LEU A 254 29.23 15.47 15.74
C LEU A 254 29.27 14.15 16.49
N CYS A 255 29.36 13.08 15.73
CA CYS A 255 29.42 11.73 16.28
C CYS A 255 30.66 11.55 17.15
N LYS A 256 31.79 11.97 16.63
CA LYS A 256 33.06 11.81 17.39
C LYS A 256 33.06 12.61 18.74
N ASN A 257 32.69 13.88 18.68
CA ASN A 257 32.55 14.71 19.91
C ASN A 257 31.58 14.11 20.93
N PHE A 258 30.47 13.59 20.45
CA PHE A 258 29.43 13.16 21.36
C PHE A 258 29.96 11.93 22.08
N SER A 259 30.57 11.04 21.32
CA SER A 259 31.14 9.81 21.80
C SER A 259 32.15 10.08 22.92
N ASP A 260 33.00 11.06 22.67
CA ASP A 260 34.11 11.39 23.58
C ASP A 260 33.58 12.06 24.85
N LYS A 261 32.60 12.93 24.67
CA LYS A 261 32.07 13.74 25.76
C LYS A 261 31.46 12.82 26.80
N TYR A 262 30.66 11.87 26.34
CA TYR A 262 29.89 11.05 27.26
C TYR A 262 30.46 9.66 27.47
N GLY A 263 31.50 9.30 26.72
CA GLY A 263 32.09 7.98 26.75
C GLY A 263 31.17 6.87 26.34
N VAL A 264 30.52 7.07 25.16
CA VAL A 264 29.50 6.20 24.64
C VAL A 264 29.82 5.77 23.19
N GLN A 265 29.37 4.59 22.83
CA GLN A 265 29.45 4.11 21.47
C GLN A 265 28.18 4.70 20.79
N VAL A 266 28.35 5.38 19.67
CA VAL A 266 27.24 5.97 18.94
C VAL A 266 26.87 5.00 17.83
N TYR A 267 25.58 4.87 17.58
CA TYR A 267 25.02 4.09 16.49
C TYR A 267 24.23 5.00 15.57
N LEU A 268 24.33 4.76 14.26
CA LEU A 268 23.47 5.46 13.28
C LEU A 268 22.66 4.41 12.53
N GLU A 269 21.46 4.73 12.08
CA GLU A 269 20.66 3.69 11.49
C GLU A 269 19.89 4.26 10.31
N PRO A 270 20.63 4.64 9.27
CA PRO A 270 20.03 5.03 8.04
C PRO A 270 19.31 3.87 7.31
N GLY A 271 18.20 4.21 6.69
CA GLY A 271 17.56 3.31 5.72
C GLY A 271 17.66 3.88 4.28
N GLU A 272 17.00 4.97 4.08
CA GLU A 272 16.95 5.62 2.77
C GLU A 272 18.33 5.92 2.20
N ALA A 273 19.26 6.28 3.06
CA ALA A 273 20.61 6.58 2.66
C ALA A 273 21.32 5.39 2.01
N VAL A 274 21.06 4.21 2.49
CA VAL A 274 21.61 3.02 1.88
C VAL A 274 21.10 2.80 0.46
N GLY A 275 19.80 2.99 0.26
CA GLY A 275 19.15 2.75 -1.00
C GLY A 275 19.06 3.91 -1.97
N TRP A 276 19.54 5.06 -1.57
CA TRP A 276 19.36 6.28 -2.29
C TRP A 276 20.03 6.23 -3.65
N GLN A 277 19.21 6.40 -4.68
CA GLN A 277 19.66 6.39 -6.04
C GLN A 277 20.46 5.12 -6.40
N THR A 278 20.05 3.99 -5.88
CA THR A 278 20.65 2.73 -6.25
C THR A 278 19.95 1.97 -7.38
N GLY A 279 18.76 2.37 -7.76
CA GLY A 279 18.04 1.61 -8.75
C GLY A 279 16.75 2.20 -9.26
N ASN A 280 16.18 1.58 -10.27
CA ASN A 280 15.00 2.07 -10.93
C ASN A 280 13.91 1.05 -11.12
N LEU A 281 12.69 1.50 -11.35
CA LEU A 281 11.67 0.65 -11.73
C LEU A 281 11.42 0.77 -13.23
N VAL A 282 11.52 -0.35 -13.97
CA VAL A 282 11.46 -0.38 -15.40
C VAL A 282 10.16 -0.97 -15.85
N ALA A 283 9.44 -0.29 -16.73
CA ALA A 283 8.12 -0.72 -17.14
C ALA A 283 8.07 -0.59 -18.63
N SER A 284 7.12 -1.21 -19.28
CA SER A 284 6.93 -1.04 -20.69
C SER A 284 5.64 -0.26 -21.00
N VAL A 285 5.67 0.49 -22.08
CA VAL A 285 4.47 0.97 -22.77
C VAL A 285 3.69 -0.17 -23.40
N VAL A 286 2.50 -0.47 -22.88
CA VAL A 286 1.63 -1.44 -23.40
C VAL A 286 0.66 -0.89 -24.43
N ASP A 287 0.19 0.32 -24.21
CA ASP A 287 -0.72 0.96 -25.15
C ASP A 287 -0.55 2.47 -25.10
N ILE A 288 -0.89 3.14 -26.18
CA ILE A 288 -0.89 4.58 -26.23
C ILE A 288 -2.25 5.04 -26.79
N ILE A 289 -2.90 5.91 -26.07
CA ILE A 289 -4.18 6.38 -26.48
C ILE A 289 -4.22 7.87 -26.41
N GLU A 290 -5.30 8.43 -26.89
CA GLU A 290 -5.48 9.85 -26.91
C GLU A 290 -6.78 10.30 -26.26
N ASN A 291 -6.70 11.27 -25.37
CA ASN A 291 -7.87 11.94 -24.84
C ASN A 291 -7.42 13.37 -24.57
N GLU A 292 -7.40 14.16 -25.63
CA GLU A 292 -6.81 15.48 -25.65
C GLU A 292 -5.28 15.40 -25.59
N LYS A 293 -4.72 14.83 -24.54
CA LYS A 293 -3.29 14.54 -24.48
C LYS A 293 -2.98 13.13 -24.97
N GLN A 294 -1.75 12.87 -25.31
CA GLN A 294 -1.30 11.54 -25.55
C GLN A 294 -1.08 10.89 -24.19
N ILE A 295 -1.55 9.67 -24.07
CA ILE A 295 -1.48 8.91 -22.85
C ILE A 295 -0.84 7.55 -23.08
N ALA A 296 0.21 7.26 -22.34
CA ALA A 296 0.85 5.97 -22.41
C ALA A 296 0.42 5.17 -21.21
N ILE A 297 -0.08 3.99 -21.45
CA ILE A 297 -0.51 3.09 -20.40
C ILE A 297 0.60 2.05 -20.22
N LEU A 298 1.16 2.01 -19.05
CA LEU A 298 2.31 1.17 -18.76
C LEU A 298 1.90 -0.10 -18.05
N ASP A 299 2.87 -1.05 -17.91
CA ASP A 299 2.61 -2.29 -17.13
C ASP A 299 3.03 -2.20 -15.67
N THR A 300 2.90 -1.02 -15.10
CA THR A 300 3.22 -0.80 -13.73
C THR A 300 2.15 0.15 -13.21
N SER A 301 2.11 0.28 -11.91
CA SER A 301 1.04 1.08 -11.25
C SER A 301 1.64 1.96 -10.18
N SER A 302 1.23 3.24 -10.19
CA SER A 302 1.69 4.14 -9.13
C SER A 302 1.17 3.64 -7.81
N GLU A 303 -0.10 3.28 -7.75
CA GLU A 303 -0.76 2.87 -6.48
C GLU A 303 -0.14 1.59 -5.85
N ALA A 304 0.18 0.61 -6.70
CA ALA A 304 0.62 -0.70 -6.21
C ALA A 304 2.12 -0.80 -6.11
N HIS A 305 2.84 -0.08 -7.00
CA HIS A 305 4.31 -0.27 -7.19
C HIS A 305 5.18 0.92 -6.78
N MET A 306 4.60 2.15 -6.72
CA MET A 306 5.31 3.31 -6.21
C MET A 306 4.36 4.01 -5.24
N PRO A 307 3.85 3.32 -4.24
CA PRO A 307 2.80 3.84 -3.36
C PRO A 307 3.10 5.21 -2.76
N ASP A 308 4.33 5.50 -2.41
CA ASP A 308 4.64 6.78 -1.85
C ASP A 308 4.38 7.95 -2.80
N THR A 309 4.38 7.72 -4.11
CA THR A 309 4.05 8.76 -5.03
C THR A 309 2.61 9.27 -4.79
N ILE A 310 1.72 8.34 -4.42
CA ILE A 310 0.30 8.66 -4.14
C ILE A 310 0.15 9.15 -2.71
N ILE A 311 0.83 8.50 -1.76
CA ILE A 311 0.66 8.82 -0.33
C ILE A 311 1.19 10.18 0.06
N MET A 312 2.39 10.54 -0.42
CA MET A 312 3.09 11.73 0.06
CA MET A 312 3.06 11.74 0.08
C MET A 312 2.32 13.03 -0.30
N PRO A 313 1.99 13.26 -1.60
CA PRO A 313 2.28 12.64 -2.87
C PRO A 313 3.62 13.23 -3.41
N TYR A 314 4.25 12.62 -4.42
CA TYR A 314 5.39 13.26 -5.09
C TYR A 314 5.42 12.66 -6.46
N THR A 315 6.24 13.21 -7.33
CA THR A 315 6.29 12.75 -8.72
C THR A 315 7.65 12.17 -9.01
N SER A 316 7.69 10.94 -9.50
CA SER A 316 8.96 10.34 -9.89
C SER A 316 9.56 10.99 -11.11
N GLU A 317 10.89 11.08 -11.09
CA GLU A 317 11.61 11.43 -12.28
C GLU A 317 11.64 10.19 -13.18
N VAL A 318 11.75 10.45 -14.47
CA VAL A 318 11.84 9.41 -15.49
C VAL A 318 13.06 9.65 -16.34
N LEU A 319 13.81 8.58 -16.58
CA LEU A 319 15.05 8.69 -17.36
C LEU A 319 14.75 9.27 -18.76
N ASN A 320 15.55 10.27 -19.16
CA ASN A 320 15.45 10.98 -20.44
C ASN A 320 14.17 11.76 -20.60
N ALA A 321 13.47 12.04 -19.52
CA ALA A 321 12.26 12.85 -19.61
C ALA A 321 12.30 13.97 -18.60
N ARG A 322 11.45 14.98 -18.80
CA ARG A 322 11.30 16.04 -17.82
C ARG A 322 9.87 16.06 -17.32
N ILE A 323 9.68 16.31 -16.05
CA ILE A 323 8.30 16.47 -15.48
C ILE A 323 7.72 17.81 -15.97
N LEU A 324 6.54 17.74 -16.60
CA LEU A 324 5.78 18.94 -17.00
C LEU A 324 4.67 19.26 -15.96
N ALA A 325 4.03 18.22 -15.37
CA ALA A 325 2.91 18.43 -14.46
C ALA A 325 2.75 17.18 -13.67
N THR A 326 2.31 17.36 -12.43
CA THR A 326 1.96 16.24 -11.55
C THR A 326 0.61 15.67 -11.80
N ARG A 327 0.39 14.45 -11.28
CA ARG A 327 -0.95 13.83 -11.26
C ARG A 327 -1.98 14.73 -10.65
N GLU A 328 -1.57 15.55 -9.68
CA GLU A 328 -2.49 16.48 -9.02
C GLU A 328 -2.66 17.82 -9.79
N ASN A 329 -2.18 17.85 -11.04
CA ASN A 329 -2.29 19.02 -11.93
C ASN A 329 -1.47 20.24 -11.56
N GLU A 330 -0.41 20.03 -10.80
CA GLU A 330 0.48 21.11 -10.52
C GLU A 330 1.43 21.29 -11.70
N LYS A 331 1.54 22.51 -12.18
CA LYS A 331 2.43 22.83 -13.29
C LYS A 331 3.85 22.88 -12.79
N ILE A 332 4.73 22.12 -13.44
CA ILE A 332 6.10 22.01 -13.06
C ILE A 332 7.01 22.70 -14.10
N SER A 333 6.75 22.52 -15.40
CA SER A 333 7.51 23.19 -16.45
C SER A 333 6.75 23.16 -17.76
N ASP A 334 7.29 23.85 -18.75
CA ASP A 334 6.68 23.96 -20.04
C ASP A 334 7.35 23.08 -21.06
N LEU A 335 6.58 22.62 -22.04
CA LEU A 335 7.06 21.82 -23.14
C LEU A 335 8.06 22.67 -23.97
N LYS A 336 9.22 22.12 -24.30
CA LYS A 336 10.12 22.81 -25.21
C LYS A 336 9.84 22.43 -26.65
N GLU A 337 10.51 23.15 -27.52
CA GLU A 337 10.21 23.25 -28.90
C GLU A 337 10.23 21.84 -29.60
N ASN A 338 11.25 21.05 -29.36
CA ASN A 338 11.39 19.76 -30.07
C ASN A 338 11.02 18.55 -29.16
N GLU A 339 10.15 18.75 -28.17
CA GLU A 339 9.71 17.65 -27.30
C GLU A 339 8.31 17.13 -27.57
N PHE A 340 7.98 16.00 -26.94
CA PHE A 340 6.66 15.39 -27.03
C PHE A 340 6.15 15.10 -25.62
N ALA A 341 4.95 15.62 -25.28
CA ALA A 341 4.34 15.43 -23.97
C ALA A 341 3.50 14.15 -23.92
N TYR A 342 3.63 13.39 -22.85
CA TYR A 342 2.71 12.27 -22.56
C TYR A 342 2.30 12.22 -21.07
N LEU A 343 1.04 11.89 -20.82
CA LEU A 343 0.60 11.38 -19.51
C LEU A 343 1.08 9.92 -19.40
N LEU A 344 1.83 9.60 -18.37
CA LEU A 344 2.22 8.21 -18.08
C LEU A 344 1.28 7.68 -17.01
N THR A 345 0.69 6.53 -17.28
CA THR A 345 -0.35 6.03 -16.45
C THR A 345 -0.18 4.54 -16.23
N GLY A 346 -0.94 4.00 -15.29
CA GLY A 346 -0.78 2.63 -14.84
C GLY A 346 -1.82 1.66 -15.35
N ASN A 347 -1.65 0.42 -14.92
CA ASN A 347 -2.45 -0.73 -15.37
C ASN A 347 -3.52 -1.23 -14.37
N THR A 348 -3.68 -0.55 -13.24
CA THR A 348 -4.80 -0.84 -12.40
C THR A 348 -6.02 -0.25 -13.05
N CYS A 349 -7.17 -0.72 -12.61
CA CYS A 349 -8.45 -0.13 -13.05
C CYS A 349 -8.81 1.22 -12.38
N LEU A 350 -7.96 1.86 -11.60
CA LEU A 350 -8.33 3.11 -10.89
C LEU A 350 -8.15 4.27 -11.82
N ALA A 351 -9.07 5.22 -11.80
CA ALA A 351 -8.94 6.46 -12.61
C ALA A 351 -7.67 7.26 -12.32
N GLY A 352 -7.31 7.33 -11.05
CA GLY A 352 -6.15 8.12 -10.56
C GLY A 352 -4.79 7.47 -10.65
N ASP A 353 -4.72 6.35 -11.36
CA ASP A 353 -3.39 5.65 -11.51
C ASP A 353 -2.66 6.32 -12.64
N VAL A 354 -2.10 7.49 -12.31
CA VAL A 354 -1.43 8.39 -13.23
C VAL A 354 -0.09 8.77 -12.53
N MET A 355 1.02 8.67 -13.26
CA MET A 355 2.29 9.07 -12.70
C MET A 355 2.59 10.57 -12.81
N GLY A 356 2.07 11.20 -13.87
CA GLY A 356 2.31 12.59 -14.18
C GLY A 356 2.41 12.82 -15.68
N GLU A 357 2.68 14.07 -16.11
CA GLU A 357 2.84 14.42 -17.50
C GLU A 357 4.31 14.73 -17.74
N TYR A 358 4.93 14.10 -18.73
CA TYR A 358 6.35 14.19 -18.95
C TYR A 358 6.66 14.51 -20.41
N ALA A 359 7.79 15.17 -20.60
CA ALA A 359 8.27 15.59 -21.87
C ALA A 359 9.42 14.68 -22.24
N PHE A 360 9.35 14.14 -23.46
CA PHE A 360 10.40 13.30 -24.05
C PHE A 360 10.95 13.97 -25.33
N ASP A 361 12.19 13.57 -25.73
CA ASP A 361 12.85 14.01 -26.98
C ASP A 361 12.34 13.34 -28.25
N LYS A 362 11.62 12.25 -28.11
CA LYS A 362 11.06 11.57 -29.29
C LYS A 362 9.73 10.90 -28.91
N LYS A 363 8.92 10.56 -29.90
CA LYS A 363 7.64 9.95 -29.63
C LYS A 363 7.87 8.61 -28.99
N LEU A 364 6.98 8.24 -28.09
CA LEU A 364 6.96 6.90 -27.53
C LEU A 364 6.30 5.93 -28.49
N LYS A 365 6.69 4.66 -28.35
CA LYS A 365 6.04 3.62 -29.10
C LYS A 365 5.70 2.49 -28.14
N ILE A 366 4.67 1.72 -28.51
CA ILE A 366 4.35 0.52 -27.79
C ILE A 366 5.60 -0.36 -27.73
N GLY A 367 5.95 -0.81 -26.55
CA GLY A 367 7.09 -1.67 -26.35
C GLY A 367 8.27 -0.90 -25.79
N ASP A 368 8.27 0.42 -25.93
CA ASP A 368 9.31 1.21 -25.28
C ASP A 368 9.38 1.00 -23.75
N LYS A 369 10.59 1.14 -23.20
CA LYS A 369 10.79 0.96 -21.78
C LYS A 369 10.80 2.37 -21.16
N ILE A 370 10.04 2.54 -20.08
CA ILE A 370 10.00 3.76 -19.23
C ILE A 370 10.70 3.43 -17.92
N VAL A 371 11.71 4.22 -17.57
CA VAL A 371 12.56 3.97 -16.43
C VAL A 371 12.26 5.03 -15.36
N PHE A 372 11.56 4.62 -14.31
CA PHE A 372 11.28 5.47 -13.15
C PHE A 372 12.51 5.45 -12.21
N LEU A 373 13.03 6.65 -11.99
CA LEU A 373 14.34 6.80 -11.29
C LEU A 373 14.18 6.68 -9.78
N ASP A 374 15.15 6.01 -9.14
CA ASP A 374 15.28 6.01 -7.67
C ASP A 374 14.11 5.39 -7.00
N GLN A 375 13.89 4.12 -7.30
CA GLN A 375 12.74 3.39 -6.85
C GLN A 375 13.05 2.10 -6.06
N ILE A 376 14.16 2.05 -5.37
CA ILE A 376 14.46 0.89 -4.57
C ILE A 376 14.12 1.08 -3.09
N HIS A 377 14.13 2.32 -2.58
CA HIS A 377 13.87 2.55 -1.12
C HIS A 377 12.42 3.00 -0.94
N TYR A 378 11.73 2.48 0.08
CA TYR A 378 10.31 2.83 0.40
C TYR A 378 9.42 2.56 -0.79
N THR A 379 9.72 1.46 -1.50
CA THR A 379 8.90 1.05 -2.63
C THR A 379 8.51 -0.42 -2.44
N ILE A 380 9.46 -1.27 -2.78
CA ILE A 380 9.32 -2.74 -2.66
C ILE A 380 8.74 -3.13 -1.32
N VAL A 381 9.31 -2.57 -0.25
CA VAL A 381 8.91 -2.89 1.13
C VAL A 381 7.46 -2.57 1.42
N LYS A 382 6.80 -1.81 0.57
CA LYS A 382 5.44 -1.43 0.87
C LYS A 382 4.54 -1.54 -0.33
N ASN A 383 4.92 -2.37 -1.28
CA ASN A 383 4.11 -2.56 -2.47
C ASN A 383 3.01 -3.61 -2.30
N THR A 384 2.14 -3.70 -3.30
CA THR A 384 0.94 -4.49 -3.16
C THR A 384 0.58 -5.22 -4.45
N THR A 385 -0.34 -6.20 -4.32
CA THR A 385 -0.97 -6.91 -5.40
C THR A 385 -2.42 -6.47 -5.57
N PHE A 386 -2.66 -5.18 -5.35
CA PHE A 386 -3.97 -4.61 -5.52
C PHE A 386 -4.37 -4.85 -6.97
N ASN A 387 -5.63 -5.18 -7.16
CA ASN A 387 -6.24 -5.42 -8.47
C ASN A 387 -5.56 -6.61 -9.15
N GLY A 388 -4.84 -7.45 -8.39
CA GLY A 388 -4.19 -8.54 -9.01
C GLY A 388 -3.12 -8.14 -10.03
N ILE A 389 -2.56 -6.92 -9.93
CA ILE A 389 -1.52 -6.52 -10.85
C ILE A 389 -0.30 -7.35 -10.59
N ARG A 390 0.32 -7.81 -11.66
CA ARG A 390 1.56 -8.54 -11.58
C ARG A 390 2.64 -7.70 -10.94
N LEU A 391 3.23 -8.22 -9.91
CA LEU A 391 4.31 -7.51 -9.19
C LEU A 391 5.55 -7.33 -10.07
N PRO A 392 6.29 -6.25 -9.85
CA PRO A 392 7.60 -6.14 -10.54
C PRO A 392 8.54 -7.14 -9.93
N ASN A 393 9.34 -7.82 -10.77
CA ASN A 393 10.38 -8.68 -10.30
C ASN A 393 11.50 -7.86 -9.70
N LEU A 394 12.24 -8.51 -8.84
CA LEU A 394 13.44 -7.93 -8.23
C LEU A 394 14.68 -8.45 -8.94
N MET A 395 15.51 -7.55 -9.44
CA MET A 395 16.71 -7.90 -10.17
C MET A 395 17.88 -7.07 -9.69
N LEU A 396 19.05 -7.60 -9.92
CA LEU A 396 20.34 -7.06 -9.53
C LEU A 396 21.21 -6.93 -10.75
N LEU A 397 21.63 -5.72 -11.09
CA LEU A 397 22.67 -5.52 -12.09
C LEU A 397 23.97 -5.50 -11.33
N ASP A 398 24.75 -6.53 -11.52
CA ASP A 398 25.91 -6.76 -10.68
C ASP A 398 27.14 -6.02 -11.11
N HIS A 399 28.23 -6.20 -10.37
CA HIS A 399 29.44 -5.41 -10.63
C HIS A 399 30.11 -5.68 -11.95
N LYS A 400 29.76 -6.81 -12.59
CA LYS A 400 30.24 -7.15 -13.93
C LYS A 400 29.23 -6.69 -14.99
N ASN A 401 28.24 -5.89 -14.61
CA ASN A 401 27.18 -5.50 -15.53
C ASN A 401 26.36 -6.67 -16.08
N GLU A 402 26.16 -7.71 -15.27
CA GLU A 402 25.30 -8.81 -15.56
C GLU A 402 24.01 -8.73 -14.69
N LEU A 403 22.86 -8.95 -15.33
CA LEU A 403 21.53 -8.80 -14.72
C LEU A 403 21.13 -10.15 -14.17
N GLN A 404 20.91 -10.22 -12.88
CA GLN A 404 20.50 -11.43 -12.17
C GLN A 404 19.03 -11.29 -11.64
N MET A 405 18.25 -12.36 -11.77
CA MET A 405 16.90 -12.40 -11.17
C MET A 405 17.05 -12.80 -9.68
N ILE A 406 16.64 -11.88 -8.79
CA ILE A 406 16.59 -12.11 -7.33
C ILE A 406 15.27 -12.74 -6.87
N ARG A 407 14.14 -12.14 -7.31
CA ARG A 407 12.81 -12.70 -7.03
C ARG A 407 11.93 -12.51 -8.20
N GLU A 408 11.36 -13.63 -8.67
CA GLU A 408 10.39 -13.60 -9.75
C GLU A 408 9.04 -14.02 -9.12
N PHE A 409 8.07 -13.14 -9.21
CA PHE A 409 6.83 -13.39 -8.53
C PHE A 409 5.85 -14.20 -9.35
N SER A 410 4.81 -14.69 -8.74
CA SER A 410 3.77 -15.45 -9.46
C SER A 410 2.41 -15.27 -8.81
N TYR A 411 1.40 -15.85 -9.47
CA TYR A 411 0.00 -15.82 -9.04
C TYR A 411 -0.22 -16.03 -7.53
N LYS A 412 0.46 -17.01 -6.98
CA LYS A 412 0.31 -17.35 -5.59
C LYS A 412 0.68 -16.20 -4.66
N ASP A 413 1.52 -15.25 -5.12
CA ASP A 413 1.85 -14.08 -4.26
C ASP A 413 0.63 -13.15 -4.02
N TYR A 414 -0.30 -13.19 -4.98
CA TYR A 414 -1.59 -12.58 -4.92
C TYR A 414 -2.58 -13.53 -4.22
N SER A 415 -2.77 -14.76 -4.68
CA SER A 415 -3.96 -15.52 -4.21
C SER A 415 -3.85 -15.86 -2.72
N LEU A 416 -2.60 -16.08 -2.25
CA LEU A 416 -2.38 -16.55 -0.89
C LEU A 416 -2.35 -15.40 0.09
N ARG A 417 -2.67 -14.22 -0.38
CA ARG A 417 -2.78 -13.02 0.44
C ARG A 417 -4.25 -12.52 0.50
N ASN A 418 -5.22 -13.28 0.00
CA ASN A 418 -6.64 -12.86 -0.08
C ASN A 418 -7.59 -13.97 0.44
N ILE B 42 -9.97 -14.43 19.33
CA ILE B 42 -9.25 -13.77 18.28
C ILE B 42 -7.86 -13.52 18.75
N GLN B 43 -6.91 -14.19 18.16
CA GLN B 43 -5.52 -13.75 18.20
C GLN B 43 -5.29 -12.51 17.24
N THR B 44 -4.76 -11.41 17.75
CA THR B 44 -4.80 -10.17 16.97
C THR B 44 -3.52 -9.75 16.31
N PRO B 45 -3.64 -8.92 15.25
CA PRO B 45 -4.83 -8.46 14.55
C PRO B 45 -5.42 -9.47 13.64
N ALA B 46 -6.69 -9.31 13.29
CA ALA B 46 -7.37 -10.21 12.38
C ALA B 46 -8.49 -9.45 11.67
N TYR B 47 -8.61 -9.67 10.38
CA TYR B 47 -9.82 -9.31 9.68
C TYR B 47 -10.84 -10.48 9.90
N ILE B 48 -12.06 -10.17 10.32
CA ILE B 48 -13.08 -11.23 10.55
C ILE B 48 -14.30 -10.91 9.73
N LEU B 49 -14.54 -11.68 8.69
CA LEU B 49 -15.74 -11.60 7.84
C LEU B 49 -16.87 -12.39 8.50
N GLU B 50 -18.05 -11.78 8.56
CA GLU B 50 -19.22 -12.45 9.15
C GLU B 50 -20.08 -13.04 8.04
N GLU B 51 -20.23 -14.35 8.05
CA GLU B 51 -20.97 -15.06 7.01
C GLU B 51 -22.39 -14.56 6.88
N ASP B 52 -23.02 -14.31 8.02
CA ASP B 52 -24.43 -13.92 8.07
C ASP B 52 -24.65 -12.62 7.36
N LYS B 53 -23.70 -11.71 7.55
CA LYS B 53 -23.78 -10.39 6.91
C LYS B 53 -23.49 -10.44 5.41
N LEU B 54 -22.51 -11.25 5.02
CA LEU B 54 -22.18 -11.44 3.59
C LEU B 54 -23.38 -12.07 2.90
N ARG B 55 -23.98 -13.08 3.56
CA ARG B 55 -25.21 -13.70 3.00
C ARG B 55 -26.34 -12.71 2.79
N LYS B 56 -26.63 -11.85 3.78
CA LYS B 56 -27.67 -10.81 3.61
C LYS B 56 -27.41 -9.87 2.40
N ASN B 57 -26.18 -9.40 2.25
CA ASN B 57 -25.76 -8.66 1.06
C ASN B 57 -25.98 -9.42 -0.22
N CYS B 58 -25.59 -10.69 -0.27
CA CYS B 58 -25.68 -11.41 -1.52
C CYS B 58 -27.15 -11.77 -1.83
N GLU B 59 -27.93 -12.05 -0.80
CA GLU B 59 -29.43 -12.16 -0.95
C GLU B 59 -30.08 -10.95 -1.62
N LEU B 60 -29.76 -9.73 -1.17
CA LEU B 60 -30.20 -8.52 -1.82
C LEU B 60 -29.73 -8.39 -3.24
N LEU B 61 -28.43 -8.51 -3.45
CA LEU B 61 -27.92 -8.56 -4.86
C LEU B 61 -28.61 -9.64 -5.73
N ALA B 62 -28.74 -10.86 -5.21
CA ALA B 62 -29.46 -11.92 -6.01
C ALA B 62 -30.89 -11.47 -6.39
N SER B 63 -31.53 -10.75 -5.48
CA SER B 63 -32.93 -10.23 -5.61
C SER B 63 -33.01 -9.22 -6.72
N VAL B 64 -32.01 -8.33 -6.77
CA VAL B 64 -31.88 -7.41 -7.87
C VAL B 64 -31.80 -8.10 -9.22
N GLY B 65 -30.98 -9.14 -9.30
CA GLY B 65 -30.86 -9.88 -10.54
C GLY B 65 -32.15 -10.62 -10.93
N GLU B 66 -32.79 -11.24 -9.94
CA GLU B 66 -33.97 -12.04 -10.20
C GLU B 66 -35.08 -11.06 -10.60
N LYS B 67 -35.31 -9.97 -9.86
CA LYS B 67 -36.38 -8.99 -10.23
C LYS B 67 -36.15 -8.18 -11.51
N SER B 68 -34.87 -7.96 -11.89
CA SER B 68 -34.58 -7.09 -13.01
C SER B 68 -34.19 -7.88 -14.23
N GLY B 69 -33.77 -9.12 -14.07
CA GLY B 69 -33.21 -9.89 -15.20
C GLY B 69 -31.67 -9.67 -15.39
N ALA B 70 -31.15 -8.67 -14.69
CA ALA B 70 -29.66 -8.45 -14.77
C ALA B 70 -28.86 -9.60 -14.17
N LYS B 71 -27.64 -9.79 -14.67
CA LYS B 71 -26.72 -10.73 -14.09
C LYS B 71 -25.71 -9.94 -13.23
N VAL B 72 -25.59 -10.36 -11.97
CA VAL B 72 -24.74 -9.70 -10.97
C VAL B 72 -23.44 -10.48 -10.77
N LEU B 73 -22.30 -9.77 -10.93
CA LEU B 73 -20.94 -10.31 -10.80
C LEU B 73 -20.22 -9.60 -9.64
N LEU B 74 -19.34 -10.33 -8.98
CA LEU B 74 -18.41 -9.76 -7.97
C LEU B 74 -17.19 -9.16 -8.66
N ALA B 75 -16.95 -7.87 -8.45
CA ALA B 75 -15.74 -7.20 -8.94
C ALA B 75 -14.65 -7.48 -7.87
N LEU B 76 -13.72 -8.33 -8.24
CA LEU B 76 -12.69 -8.77 -7.30
C LEU B 76 -11.73 -7.72 -6.79
N LYS B 77 -11.68 -6.57 -7.46
CA LYS B 77 -10.77 -5.50 -7.06
C LYS B 77 -10.92 -5.12 -5.61
N GLY B 78 -12.18 -5.03 -5.14
CA GLY B 78 -12.45 -4.54 -3.83
C GLY B 78 -12.55 -5.64 -2.77
N PHE B 79 -13.03 -6.81 -3.21
CA PHE B 79 -13.41 -7.86 -2.31
C PHE B 79 -13.08 -9.17 -2.98
N ALA B 80 -12.10 -9.88 -2.41
CA ALA B 80 -11.60 -11.12 -2.96
C ALA B 80 -11.43 -12.18 -1.85
N PHE B 81 -12.27 -12.15 -0.86
CA PHE B 81 -11.95 -12.90 0.39
C PHE B 81 -12.05 -14.42 0.09
N SER B 82 -10.93 -15.12 0.08
CA SER B 82 -10.92 -16.47 -0.53
C SER B 82 -11.87 -17.45 0.22
N GLY B 83 -11.99 -17.29 1.54
CA GLY B 83 -12.88 -18.07 2.37
C GLY B 83 -14.35 -17.82 2.13
N ALA B 84 -14.69 -16.83 1.34
CA ALA B 84 -16.10 -16.54 1.07
C ALA B 84 -16.53 -16.71 -0.37
N MET B 85 -15.60 -17.06 -1.25
CA MET B 85 -15.86 -17.11 -2.68
C MET B 85 -16.92 -18.16 -3.07
N LYS B 86 -16.92 -19.32 -2.44
CA LYS B 86 -17.91 -20.32 -2.72
C LYS B 86 -19.30 -19.82 -2.24
N ILE B 87 -19.33 -19.14 -1.10
CA ILE B 87 -20.57 -18.56 -0.58
C ILE B 87 -21.12 -17.52 -1.54
N VAL B 88 -20.29 -16.57 -1.98
CA VAL B 88 -20.73 -15.59 -2.93
C VAL B 88 -21.30 -16.27 -4.19
N GLY B 89 -20.66 -17.33 -4.63
CA GLY B 89 -21.08 -18.02 -5.81
C GLY B 89 -22.42 -18.75 -5.71
N GLU B 90 -22.97 -18.89 -4.51
CA GLU B 90 -24.31 -19.47 -4.39
C GLU B 90 -25.29 -18.42 -4.89
N TYR B 91 -24.90 -17.15 -4.83
CA TYR B 91 -25.80 -16.05 -5.18
C TYR B 91 -25.55 -15.29 -6.46
N LEU B 92 -24.27 -15.12 -6.82
CA LEU B 92 -23.87 -14.28 -7.98
C LEU B 92 -23.45 -15.16 -9.13
N LYS B 93 -23.37 -14.58 -10.31
CA LYS B 93 -23.16 -15.36 -11.53
C LYS B 93 -21.69 -15.57 -11.88
N GLY B 94 -20.81 -14.79 -11.25
CA GLY B 94 -19.38 -14.89 -11.56
C GLY B 94 -18.62 -13.72 -11.00
N CYS B 95 -17.38 -13.55 -11.50
CA CYS B 95 -16.47 -12.50 -11.20
C CYS B 95 -16.13 -11.60 -12.38
N THR B 96 -15.93 -10.31 -12.08
CA THR B 96 -15.21 -9.45 -12.96
C THR B 96 -13.73 -9.29 -12.45
N CYS B 97 -12.81 -9.39 -13.41
CA CYS B 97 -11.37 -9.59 -13.17
C CYS B 97 -10.60 -8.59 -14.01
N SER B 98 -9.49 -8.08 -13.48
CA SER B 98 -8.73 -7.05 -14.11
C SER B 98 -7.58 -7.55 -14.96
N GLY B 99 -7.39 -8.85 -15.03
CA GLY B 99 -6.22 -9.40 -15.72
C GLY B 99 -6.03 -10.84 -15.28
N LEU B 100 -4.82 -11.36 -15.47
CA LEU B 100 -4.57 -12.76 -15.35
C LEU B 100 -4.71 -13.31 -13.94
N TRP B 101 -4.08 -12.66 -12.97
CA TRP B 101 -4.14 -13.11 -11.59
C TRP B 101 -5.58 -13.13 -11.02
N GLU B 102 -6.37 -12.11 -11.28
CA GLU B 102 -7.73 -12.15 -10.80
C GLU B 102 -8.55 -13.22 -11.54
N ALA B 103 -8.30 -13.41 -12.81
CA ALA B 103 -9.04 -14.38 -13.57
C ALA B 103 -8.71 -15.79 -13.06
N LYS B 104 -7.43 -16.06 -12.88
CA LYS B 104 -7.03 -17.28 -12.23
C LYS B 104 -7.65 -17.52 -10.83
N PHE B 105 -7.76 -16.50 -10.00
CA PHE B 105 -8.39 -16.50 -8.71
C PHE B 105 -9.90 -16.83 -8.79
N ALA B 106 -10.60 -16.16 -9.70
CA ALA B 106 -11.99 -16.50 -9.98
C ALA B 106 -12.15 -17.96 -10.34
N LYS B 107 -11.30 -18.48 -11.22
CA LYS B 107 -11.42 -19.83 -11.67
C LYS B 107 -11.22 -20.80 -10.51
N GLU B 108 -10.20 -20.53 -9.72
CA GLU B 108 -9.86 -21.45 -8.67
C GLU B 108 -10.83 -21.46 -7.53
N TYR B 109 -11.05 -20.31 -6.94
CA TYR B 109 -12.06 -20.08 -5.96
C TYR B 109 -13.60 -20.12 -6.13
N MET B 110 -14.10 -19.56 -7.22
CA MET B 110 -15.49 -19.60 -7.62
C MET B 110 -15.91 -20.55 -8.76
N ASP B 111 -15.12 -20.59 -9.81
CA ASP B 111 -15.43 -21.41 -10.99
C ASP B 111 -16.80 -21.19 -11.64
N LYS B 112 -17.21 -19.94 -11.75
CA LYS B 112 -18.43 -19.50 -12.39
C LYS B 112 -18.04 -18.59 -13.56
N GLU B 113 -18.89 -17.72 -14.04
CA GLU B 113 -18.53 -16.92 -15.17
C GLU B 113 -17.35 -16.00 -14.84
N ILE B 114 -16.48 -15.81 -15.81
CA ILE B 114 -15.37 -14.90 -15.65
C ILE B 114 -15.39 -13.82 -16.70
N HIS B 115 -15.33 -12.56 -16.28
CA HIS B 115 -15.38 -11.41 -17.16
C HIS B 115 -14.14 -10.59 -16.93
N THR B 116 -13.38 -10.35 -17.97
CA THR B 116 -12.05 -9.78 -17.76
C THR B 116 -11.95 -8.48 -18.51
N TYR B 117 -11.49 -7.45 -17.81
CA TYR B 117 -11.24 -6.13 -18.37
C TYR B 117 -9.89 -5.65 -17.88
N SER B 118 -9.07 -5.12 -18.78
CA SER B 118 -7.83 -4.46 -18.44
C SER B 118 -7.56 -3.20 -19.30
N PRO B 119 -6.98 -2.14 -18.73
CA PRO B 119 -6.60 -1.05 -19.53
C PRO B 119 -5.42 -1.44 -20.36
N ALA B 120 -4.80 -2.54 -20.02
CA ALA B 120 -3.49 -2.94 -20.60
C ALA B 120 -3.25 -4.43 -20.74
N PHE B 121 -3.92 -5.15 -21.65
CA PHE B 121 -3.56 -6.60 -21.89
C PHE B 121 -2.19 -6.72 -22.50
N LYS B 122 -1.42 -7.70 -22.03
CA LYS B 122 -0.11 -8.02 -22.60
C LYS B 122 -0.14 -9.26 -23.48
N GLU B 123 0.76 -9.32 -24.44
CA GLU B 123 0.89 -10.49 -25.35
C GLU B 123 1.14 -11.78 -24.59
N ASP B 124 2.01 -11.74 -23.59
CA ASP B 124 2.39 -12.98 -22.89
C ASP B 124 1.22 -13.51 -22.03
N GLU B 125 0.14 -12.75 -21.79
CA GLU B 125 -0.94 -13.27 -20.91
C GLU B 125 -2.31 -13.53 -21.59
N ILE B 126 -2.46 -13.02 -22.81
CA ILE B 126 -3.76 -13.01 -23.42
C ILE B 126 -4.31 -14.43 -23.67
N GLY B 127 -3.43 -15.37 -23.99
CA GLY B 127 -3.82 -16.76 -24.24
C GLY B 127 -4.47 -17.40 -23.02
N GLU B 128 -3.83 -17.30 -21.86
CA GLU B 128 -4.41 -17.84 -20.66
C GLU B 128 -5.66 -17.07 -20.30
N ILE B 129 -5.63 -15.74 -20.41
CA ILE B 129 -6.90 -15.00 -20.12
C ILE B 129 -8.05 -15.45 -21.01
N ALA B 130 -7.77 -15.68 -22.30
CA ALA B 130 -8.83 -16.08 -23.23
C ALA B 130 -9.36 -17.46 -22.88
N SER B 131 -8.45 -18.37 -22.48
CA SER B 131 -8.86 -19.73 -22.08
C SER B 131 -9.82 -19.70 -20.86
N LEU B 132 -9.71 -18.70 -19.99
CA LEU B 132 -10.46 -18.66 -18.74
C LEU B 132 -11.74 -17.84 -18.83
N SER B 133 -11.75 -16.82 -19.72
CA SER B 133 -12.74 -15.72 -19.65
C SER B 133 -13.98 -16.00 -20.55
N HIS B 134 -15.19 -15.71 -20.07
CA HIS B 134 -16.38 -15.75 -20.92
C HIS B 134 -16.51 -14.50 -21.75
N HIS B 135 -16.35 -13.35 -21.11
CA HIS B 135 -16.34 -12.02 -21.72
C HIS B 135 -14.95 -11.42 -21.58
N ILE B 136 -14.47 -10.72 -22.58
CA ILE B 136 -13.26 -9.90 -22.43
C ILE B 136 -13.61 -8.52 -22.94
N VAL B 137 -13.35 -7.50 -22.11
CA VAL B 137 -13.61 -6.13 -22.48
C VAL B 137 -12.29 -5.41 -22.73
N PHE B 138 -12.17 -4.79 -23.91
CA PHE B 138 -11.00 -4.03 -24.24
C PHE B 138 -11.18 -2.57 -23.90
N ASN B 139 -10.05 -1.94 -23.59
CA ASN B 139 -10.03 -0.53 -23.19
C ASN B 139 -9.84 0.43 -24.33
N SER B 140 -9.29 -0.08 -25.43
CA SER B 140 -9.02 0.76 -26.61
C SER B 140 -9.33 -0.04 -27.88
N LEU B 141 -9.55 0.64 -28.98
CA LEU B 141 -9.67 -0.03 -30.26
C LEU B 141 -8.40 -0.72 -30.68
N ALA B 142 -7.25 -0.11 -30.44
CA ALA B 142 -5.97 -0.80 -30.78
C ALA B 142 -5.84 -2.13 -30.07
N GLN B 143 -6.23 -2.19 -28.77
CA GLN B 143 -6.13 -3.42 -27.98
C GLN B 143 -7.08 -4.47 -28.56
N PHE B 144 -8.31 -4.05 -28.83
CA PHE B 144 -9.27 -4.91 -29.51
C PHE B 144 -8.69 -5.50 -30.78
N HIS B 145 -8.19 -4.62 -31.65
CA HIS B 145 -7.68 -5.06 -32.95
C HIS B 145 -6.47 -5.99 -32.84
N LYS B 146 -5.59 -5.70 -31.89
CA LYS B 146 -4.35 -6.52 -31.66
C LYS B 146 -4.73 -7.94 -31.23
N PHE B 147 -5.73 -8.04 -30.38
CA PHE B 147 -6.05 -9.35 -29.74
C PHE B 147 -7.31 -10.08 -30.20
N GLN B 148 -8.03 -9.51 -31.14
CA GLN B 148 -9.22 -10.12 -31.64
C GLN B 148 -9.00 -11.59 -32.10
N SER B 149 -7.88 -11.88 -32.78
CA SER B 149 -7.69 -13.25 -33.38
C SER B 149 -7.28 -14.32 -32.34
N LYS B 150 -6.94 -13.87 -31.14
CA LYS B 150 -6.57 -14.74 -30.05
C LYS B 150 -7.68 -14.88 -29.03
N THR B 151 -8.83 -14.25 -29.30
CA THR B 151 -9.98 -14.23 -28.39
C THR B 151 -11.24 -14.60 -29.19
N GLN B 152 -11.10 -15.53 -30.13
CA GLN B 152 -12.26 -15.88 -30.98
C GLN B 152 -13.38 -16.67 -30.26
N LYS B 153 -13.04 -17.31 -29.15
CA LYS B 153 -14.03 -18.03 -28.36
C LYS B 153 -14.69 -17.23 -27.23
N ASN B 154 -14.32 -15.96 -27.08
CA ASN B 154 -14.81 -15.13 -26.02
C ASN B 154 -15.83 -14.18 -26.58
N SER B 155 -16.75 -13.72 -25.74
CA SER B 155 -17.64 -12.64 -26.11
C SER B 155 -16.94 -11.31 -25.83
N LEU B 156 -16.76 -10.48 -26.86
CA LEU B 156 -15.95 -9.27 -26.75
C LEU B 156 -16.80 -8.01 -26.52
N GLY B 157 -16.27 -7.12 -25.66
CA GLY B 157 -16.89 -5.84 -25.43
C GLY B 157 -15.85 -4.74 -25.48
N LEU B 158 -16.36 -3.51 -25.44
CA LEU B 158 -15.56 -2.29 -25.47
C LEU B 158 -16.02 -1.42 -24.30
N ARG B 159 -15.05 -0.91 -23.57
CA ARG B 159 -15.32 0.03 -22.52
C ARG B 159 -15.52 1.38 -23.15
N CYS B 160 -16.60 2.03 -22.74
CA CYS B 160 -17.00 3.32 -23.21
C CYS B 160 -16.67 4.38 -22.20
N ASN B 161 -15.98 5.43 -22.63
CA ASN B 161 -15.71 6.59 -21.78
C ASN B 161 -16.95 7.48 -21.82
N VAL B 162 -17.76 7.51 -20.77
CA VAL B 162 -19.00 8.25 -20.91
C VAL B 162 -18.80 9.80 -20.76
N GLU B 163 -17.65 10.18 -20.19
CA GLU B 163 -17.20 11.59 -20.07
C GLU B 163 -18.24 12.34 -19.31
N PHE B 164 -18.53 11.86 -18.11
CA PHE B 164 -19.59 12.46 -17.35
C PHE B 164 -19.09 12.75 -15.93
N SER B 165 -19.22 14.00 -15.49
CA SER B 165 -18.66 14.44 -14.21
C SER B 165 -19.12 13.55 -13.04
N GLY B 176 -12.78 13.31 -14.35
CA GLY B 176 -12.72 12.38 -15.53
C GLY B 176 -12.00 12.96 -16.75
N ARG B 177 -11.55 14.20 -16.69
CA ARG B 177 -10.92 14.81 -17.86
C ARG B 177 -9.58 14.10 -18.13
N TYR B 178 -9.33 13.81 -19.41
CA TYR B 178 -8.14 13.11 -19.84
C TYR B 178 -8.11 11.66 -19.38
N SER B 179 -9.25 11.11 -18.94
CA SER B 179 -9.27 9.72 -18.59
C SER B 179 -8.72 8.81 -19.70
N ARG B 180 -7.92 7.85 -19.22
CA ARG B 180 -7.41 6.78 -20.06
C ARG B 180 -8.35 5.62 -20.13
N LEU B 181 -9.43 5.66 -19.38
CA LEU B 181 -10.31 4.53 -19.31
C LEU B 181 -11.47 4.63 -20.29
N GLY B 182 -11.56 3.65 -21.20
CA GLY B 182 -12.65 3.61 -22.20
C GLY B 182 -12.41 4.42 -23.46
N ILE B 183 -13.33 4.21 -24.41
CA ILE B 183 -13.29 4.78 -25.72
C ILE B 183 -14.37 5.84 -25.80
N ARG B 184 -14.01 7.03 -26.29
CA ARG B 184 -15.02 8.08 -26.44
C ARG B 184 -15.90 7.81 -27.65
N ALA B 185 -17.11 8.34 -27.63
CA ALA B 185 -18.15 8.04 -28.61
C ALA B 185 -17.70 8.39 -30.03
N LYS B 186 -17.07 9.55 -30.16
CA LYS B 186 -16.60 9.96 -31.50
C LYS B 186 -15.67 8.90 -32.16
N ASP B 187 -14.97 8.07 -31.37
CA ASP B 187 -14.04 7.08 -31.93
C ASP B 187 -14.73 5.82 -32.42
N PHE B 188 -16.03 5.67 -32.13
CA PHE B 188 -16.83 4.50 -32.62
C PHE B 188 -17.25 4.69 -34.05
N GLU B 189 -17.21 5.92 -34.56
CA GLU B 189 -17.71 6.21 -35.95
C GLU B 189 -16.78 5.51 -36.97
N ASN B 190 -17.29 4.89 -38.01
CA ASN B 190 -16.35 4.18 -38.95
C ASN B 190 -15.69 2.84 -38.46
N VAL B 191 -15.73 2.48 -37.18
CA VAL B 191 -15.06 1.24 -36.72
C VAL B 191 -16.03 0.09 -36.89
N ASP B 192 -15.48 -1.04 -37.33
CA ASP B 192 -16.22 -2.28 -37.46
C ASP B 192 -16.54 -2.88 -36.12
N LEU B 193 -17.83 -2.96 -35.79
CA LEU B 193 -18.21 -3.51 -34.52
C LEU B 193 -18.86 -4.88 -34.69
N ASN B 194 -18.79 -5.46 -35.88
CA ASN B 194 -19.43 -6.77 -36.11
C ASN B 194 -19.02 -7.83 -35.07
N ALA B 195 -17.75 -7.80 -34.61
CA ALA B 195 -17.27 -8.80 -33.63
C ALA B 195 -17.48 -8.39 -32.17
N ILE B 196 -18.08 -7.24 -31.92
CA ILE B 196 -18.27 -6.74 -30.55
C ILE B 196 -19.74 -7.03 -30.20
N GLU B 197 -19.91 -7.76 -29.09
CA GLU B 197 -21.19 -8.17 -28.56
C GLU B 197 -21.67 -7.38 -27.34
N GLY B 198 -20.76 -6.64 -26.73
CA GLY B 198 -21.12 -5.90 -25.52
C GLY B 198 -20.50 -4.52 -25.46
N LEU B 199 -21.17 -3.64 -24.73
CA LEU B 199 -20.57 -2.35 -24.34
C LEU B 199 -20.54 -2.31 -22.84
N HIS B 200 -19.52 -1.65 -22.33
CA HIS B 200 -19.22 -1.67 -20.93
C HIS B 200 -19.00 -0.24 -20.45
N PHE B 201 -19.48 0.12 -19.25
CA PHE B 201 -18.95 1.34 -18.60
C PHE B 201 -18.82 1.12 -17.13
N HIS B 202 -17.90 1.88 -16.54
CA HIS B 202 -17.78 1.95 -15.09
C HIS B 202 -17.53 3.38 -14.74
N ALA B 203 -18.49 3.97 -14.04
CA ALA B 203 -18.42 5.40 -13.91
C ALA B 203 -18.73 5.92 -12.53
N LEU B 204 -18.90 5.03 -11.55
CA LEU B 204 -19.51 5.40 -10.28
C LEU B 204 -18.61 4.90 -9.19
N CYS B 205 -18.67 5.57 -8.03
CA CYS B 205 -18.00 5.09 -6.80
C CYS B 205 -18.84 5.47 -5.61
N GLU B 206 -19.28 4.47 -4.82
CA GLU B 206 -20.18 4.66 -3.67
C GLU B 206 -21.40 5.55 -3.98
N GLU B 207 -22.09 5.21 -5.05
CA GLU B 207 -23.15 6.09 -5.58
C GLU B 207 -24.53 5.46 -5.62
N SER B 208 -25.49 6.31 -5.93
CA SER B 208 -26.88 6.00 -5.83
C SER B 208 -27.47 5.49 -7.17
N ALA B 209 -28.69 5.00 -7.07
CA ALA B 209 -29.49 4.66 -8.23
C ALA B 209 -29.74 5.93 -9.06
N ASP B 210 -30.00 7.06 -8.40
CA ASP B 210 -30.11 8.33 -9.13
C ASP B 210 -28.86 8.68 -9.95
N ALA B 211 -27.66 8.45 -9.40
CA ALA B 211 -26.43 8.67 -10.16
C ALA B 211 -26.28 7.77 -11.42
N LEU B 212 -26.68 6.51 -11.30
CA LEU B 212 -26.69 5.59 -12.43
C LEU B 212 -27.66 6.07 -13.47
N GLU B 213 -28.85 6.52 -13.03
CA GLU B 213 -29.82 7.06 -14.03
C GLU B 213 -29.15 8.19 -14.86
N ALA B 214 -28.53 9.11 -14.14
CA ALA B 214 -27.81 10.23 -14.76
C ALA B 214 -26.74 9.75 -15.74
N VAL B 215 -25.97 8.72 -15.37
CA VAL B 215 -24.95 8.17 -16.27
C VAL B 215 -25.54 7.50 -17.50
N LEU B 216 -26.59 6.71 -17.28
CA LEU B 216 -27.27 6.02 -18.37
C LEU B 216 -27.82 7.06 -19.36
N LYS B 217 -28.37 8.16 -18.85
CA LYS B 217 -28.89 9.21 -19.74
C LYS B 217 -27.75 9.63 -20.74
N VAL B 218 -26.57 9.93 -20.22
CA VAL B 218 -25.45 10.35 -21.05
C VAL B 218 -24.92 9.22 -21.92
N PHE B 219 -24.88 8.01 -21.35
CA PHE B 219 -24.47 6.84 -22.11
C PHE B 219 -25.35 6.63 -23.35
N GLU B 220 -26.66 6.72 -23.16
CA GLU B 220 -27.60 6.57 -24.27
C GLU B 220 -27.53 7.75 -25.25
N GLU B 221 -27.36 8.99 -24.78
CA GLU B 221 -27.22 10.15 -25.69
C GLU B 221 -25.98 9.98 -26.58
N LYS B 222 -24.87 9.56 -26.01
CA LYS B 222 -23.60 9.51 -26.75
C LYS B 222 -23.40 8.17 -27.55
N PHE B 223 -23.84 7.04 -26.99
CA PHE B 223 -23.52 5.74 -27.56
C PHE B 223 -24.77 5.03 -28.09
N GLY B 224 -25.95 5.60 -27.84
CA GLY B 224 -27.23 4.97 -28.19
C GLY B 224 -27.38 4.35 -29.59
N LYS B 225 -26.71 4.87 -30.62
CA LYS B 225 -26.88 4.30 -31.96
C LYS B 225 -26.28 2.89 -32.09
N TRP B 226 -25.31 2.58 -31.23
CA TRP B 226 -24.59 1.30 -31.25
C TRP B 226 -25.14 0.31 -30.22
N ILE B 227 -26.06 0.70 -29.35
CA ILE B 227 -26.55 -0.22 -28.27
C ILE B 227 -27.45 -1.34 -28.74
N GLY B 228 -28.40 -1.04 -29.65
CA GLY B 228 -29.39 -2.05 -30.06
C GLY B 228 -28.76 -3.22 -30.78
N GLN B 229 -27.59 -3.03 -31.34
CA GLN B 229 -26.95 -4.12 -32.04
C GLN B 229 -26.14 -5.06 -31.12
N MET B 230 -26.12 -4.79 -29.80
CA MET B 230 -25.31 -5.60 -28.86
C MET B 230 -26.20 -6.71 -28.25
N LYS B 231 -25.54 -7.74 -27.76
CA LYS B 231 -26.14 -8.80 -27.00
C LYS B 231 -26.23 -8.41 -25.52
N TRP B 232 -25.22 -7.70 -25.04
CA TRP B 232 -25.19 -7.33 -23.62
C TRP B 232 -24.57 -5.93 -23.37
N VAL B 233 -24.88 -5.35 -22.20
CA VAL B 233 -24.23 -4.11 -21.72
C VAL B 233 -23.95 -4.31 -20.23
N ASN B 234 -22.85 -3.74 -19.79
CA ASN B 234 -22.33 -4.00 -18.42
C ASN B 234 -22.28 -2.63 -17.78
N PHE B 235 -23.05 -2.38 -16.72
CA PHE B 235 -23.09 -1.05 -16.15
C PHE B 235 -21.98 -0.83 -15.10
N GLY B 236 -21.04 -1.75 -15.03
CA GLY B 236 -19.96 -1.62 -14.09
C GLY B 236 -20.36 -1.71 -12.60
N GLY B 237 -19.51 -1.11 -11.79
CA GLY B 237 -19.63 -1.17 -10.33
C GLY B 237 -19.87 0.23 -9.79
N GLY B 238 -19.61 0.38 -8.48
CA GLY B 238 -19.78 1.65 -7.80
C GLY B 238 -21.21 1.90 -7.34
N HIS B 239 -22.06 0.87 -7.39
CA HIS B 239 -23.48 1.00 -7.05
C HIS B 239 -23.54 0.57 -5.58
N HIS B 240 -24.03 1.45 -4.73
CA HIS B 240 -23.88 1.26 -3.28
C HIS B 240 -25.15 0.51 -2.79
N ILE B 241 -25.39 -0.64 -3.41
CA ILE B 241 -26.71 -1.36 -3.36
C ILE B 241 -27.10 -1.87 -1.98
N THR B 242 -26.11 -2.33 -1.23
CA THR B 242 -26.34 -2.86 0.11
C THR B 242 -26.20 -1.79 1.19
N LYS B 243 -25.93 -0.54 0.83
CA LYS B 243 -25.94 0.55 1.82
C LYS B 243 -27.35 0.87 2.26
N LYS B 244 -27.55 1.16 3.55
CA LYS B 244 -28.89 1.57 4.02
C LYS B 244 -29.36 2.85 3.31
N GLY B 245 -30.58 2.78 2.79
CA GLY B 245 -31.21 3.87 2.08
C GLY B 245 -31.08 3.87 0.57
N TYR B 246 -30.30 2.95 0.00
CA TYR B 246 -30.14 2.90 -1.45
C TYR B 246 -31.48 2.57 -2.07
N ASP B 247 -31.76 3.17 -3.22
CA ASP B 247 -33.06 3.02 -3.87
C ASP B 247 -33.03 1.77 -4.74
N VAL B 248 -33.19 0.63 -4.09
CA VAL B 248 -33.13 -0.66 -4.75
C VAL B 248 -34.19 -0.79 -5.85
N GLU B 249 -35.43 -0.32 -5.62
CA GLU B 249 -36.52 -0.49 -6.60
C GLU B 249 -36.14 0.31 -7.85
N LYS B 250 -35.55 1.49 -7.66
CA LYS B 250 -35.08 2.28 -8.81
C LYS B 250 -34.05 1.51 -9.65
N LEU B 251 -33.05 0.93 -9.01
CA LEU B 251 -32.04 0.19 -9.74
C LEU B 251 -32.66 -0.93 -10.60
N ILE B 252 -33.56 -1.68 -9.99
CA ILE B 252 -34.23 -2.76 -10.66
C ILE B 252 -34.97 -2.20 -11.89
N ALA B 253 -35.74 -1.12 -11.69
CA ALA B 253 -36.52 -0.52 -12.81
C ALA B 253 -35.54 -0.04 -13.90
N LEU B 254 -34.49 0.68 -13.52
CA LEU B 254 -33.53 1.15 -14.51
C LEU B 254 -32.95 0.01 -15.36
N CYS B 255 -32.58 -1.09 -14.69
CA CYS B 255 -32.00 -2.23 -15.36
C CYS B 255 -33.04 -2.96 -16.21
N LYS B 256 -34.20 -3.20 -15.63
CA LYS B 256 -35.31 -3.79 -16.41
C LYS B 256 -35.62 -2.94 -17.64
N ASN B 257 -35.87 -1.65 -17.43
CA ASN B 257 -36.31 -0.74 -18.54
C ASN B 257 -35.27 -0.68 -19.67
N PHE B 258 -33.98 -0.60 -19.30
CA PHE B 258 -32.90 -0.58 -20.27
C PHE B 258 -32.83 -1.87 -21.07
N SER B 259 -32.92 -2.98 -20.37
CA SER B 259 -32.90 -4.23 -21.03
C SER B 259 -34.10 -4.37 -22.05
N ASP B 260 -35.30 -4.00 -21.64
CA ASP B 260 -36.49 -4.10 -22.52
C ASP B 260 -36.29 -3.13 -23.68
N LYS B 261 -35.80 -1.92 -23.40
CA LYS B 261 -35.71 -0.92 -24.44
C LYS B 261 -34.77 -1.36 -25.60
N TYR B 262 -33.64 -1.97 -25.32
CA TYR B 262 -32.64 -2.31 -26.39
C TYR B 262 -32.50 -3.78 -26.68
N GLY B 263 -33.26 -4.59 -25.95
CA GLY B 263 -33.16 -6.05 -26.07
C GLY B 263 -31.79 -6.59 -25.74
N VAL B 264 -31.23 -6.16 -24.60
CA VAL B 264 -29.92 -6.62 -24.21
C VAL B 264 -29.94 -7.27 -22.83
N GLN B 265 -28.98 -8.15 -22.59
CA GLN B 265 -28.65 -8.67 -21.24
C GLN B 265 -27.84 -7.61 -20.43
N VAL B 266 -28.37 -7.13 -19.30
CA VAL B 266 -27.65 -6.20 -18.42
C VAL B 266 -26.79 -7.01 -17.44
N TYR B 267 -25.58 -6.50 -17.20
CA TYR B 267 -24.71 -6.99 -16.14
C TYR B 267 -24.41 -5.84 -15.20
N LEU B 268 -24.31 -6.15 -13.91
CA LEU B 268 -23.81 -5.25 -12.88
C LEU B 268 -22.60 -5.90 -12.23
N GLU B 269 -21.61 -5.12 -11.81
CA GLU B 269 -20.39 -5.72 -11.25
C GLU B 269 -19.91 -4.96 -10.02
N PRO B 270 -20.73 -4.99 -8.95
CA PRO B 270 -20.32 -4.38 -7.70
C PRO B 270 -19.18 -5.16 -7.03
N GLY B 271 -18.30 -4.41 -6.38
CA GLY B 271 -17.24 -4.97 -5.53
C GLY B 271 -17.56 -4.59 -4.11
N GLU B 272 -17.46 -3.30 -3.85
CA GLU B 272 -17.73 -2.76 -2.49
C GLU B 272 -19.10 -3.25 -1.96
N ALA B 273 -20.11 -3.24 -2.78
CA ALA B 273 -21.43 -3.58 -2.27
C ALA B 273 -21.50 -5.01 -1.72
N VAL B 274 -20.74 -5.93 -2.31
CA VAL B 274 -20.65 -7.30 -1.81
C VAL B 274 -20.08 -7.33 -0.38
N GLY B 275 -19.02 -6.53 -0.14
CA GLY B 275 -18.28 -6.58 1.13
C GLY B 275 -18.70 -5.53 2.15
N TRP B 276 -19.68 -4.72 1.77
CA TRP B 276 -20.18 -3.59 2.60
C TRP B 276 -20.65 -4.05 3.98
N GLN B 277 -19.94 -3.56 4.99
CA GLN B 277 -20.32 -3.84 6.37
C GLN B 277 -20.41 -5.31 6.65
N THR B 278 -19.51 -6.09 6.05
CA THR B 278 -19.53 -7.54 6.29
C THR B 278 -18.49 -8.00 7.33
N GLY B 279 -17.62 -7.11 7.79
CA GLY B 279 -16.69 -7.49 8.83
C GLY B 279 -15.74 -6.39 9.22
N ASN B 280 -14.91 -6.70 10.17
CA ASN B 280 -14.17 -5.70 10.95
C ASN B 280 -12.73 -6.11 11.06
N LEU B 281 -11.87 -5.14 11.37
CA LEU B 281 -10.51 -5.49 11.74
C LEU B 281 -10.37 -5.32 13.22
N VAL B 282 -9.94 -6.37 13.87
CA VAL B 282 -9.89 -6.41 15.31
C VAL B 282 -8.43 -6.36 15.73
N ALA B 283 -8.13 -5.47 16.65
CA ALA B 283 -6.78 -5.25 17.12
C ALA B 283 -6.81 -5.22 18.62
N SER B 284 -5.65 -5.29 19.26
CA SER B 284 -5.54 -5.21 20.68
C SER B 284 -4.73 -3.98 21.07
N VAL B 285 -5.13 -3.34 22.15
CA VAL B 285 -4.30 -2.41 22.87
C VAL B 285 -3.05 -3.06 23.46
N VAL B 286 -1.87 -2.64 23.01
CA VAL B 286 -0.64 -3.19 23.43
C VAL B 286 0.00 -2.32 24.51
N ASP B 287 -0.12 -1.01 24.37
CA ASP B 287 0.34 -0.08 25.37
C ASP B 287 -0.57 1.15 25.36
N ILE B 288 -0.55 1.81 26.51
CA ILE B 288 -1.24 3.12 26.65
C ILE B 288 -0.23 4.15 27.23
N ILE B 289 0.09 5.18 26.47
CA ILE B 289 0.98 6.21 27.00
C ILE B 289 0.25 7.59 27.10
N GLU B 290 0.89 8.57 27.71
CA GLU B 290 0.32 9.93 27.77
C GLU B 290 1.30 10.92 27.09
N ASN B 291 0.81 11.65 26.11
CA ASN B 291 1.53 12.83 25.69
C ASN B 291 0.51 13.94 25.45
N GLU B 292 0.21 14.65 26.52
CA GLU B 292 -0.98 15.55 26.66
C GLU B 292 -2.30 14.78 26.58
N LYS B 293 -2.52 14.10 25.52
CA LYS B 293 -3.65 13.18 25.42
C LYS B 293 -3.26 11.74 25.82
N GLN B 294 -4.30 10.94 26.07
CA GLN B 294 -4.11 9.51 26.26
C GLN B 294 -4.00 8.87 24.87
N ILE B 295 -3.02 7.98 24.71
CA ILE B 295 -2.76 7.40 23.42
C ILE B 295 -2.68 5.85 23.56
N ALA B 296 -3.50 5.17 22.85
CA ALA B 296 -3.43 3.71 22.75
C ALA B 296 -2.61 3.31 21.51
N ILE B 297 -1.59 2.47 21.72
CA ILE B 297 -0.80 1.87 20.64
C ILE B 297 -1.33 0.45 20.43
N LEU B 298 -1.77 0.18 19.24
CA LEU B 298 -2.49 -1.05 18.90
C LEU B 298 -1.57 -1.99 18.13
N ASP B 299 -1.95 -3.26 17.92
CA ASP B 299 -1.09 -4.15 17.12
C ASP B 299 -1.50 -4.18 15.66
N THR B 300 -1.95 -3.03 15.13
CA THR B 300 -2.35 -2.89 13.76
C THR B 300 -1.88 -1.50 13.33
N SER B 301 -1.91 -1.27 12.05
CA SER B 301 -1.30 -0.07 11.45
C SER B 301 -2.28 0.48 10.39
N SER B 302 -2.53 1.76 10.47
CA SER B 302 -3.25 2.46 9.40
C SER B 302 -2.63 2.23 8.04
N GLU B 303 -1.38 2.59 7.95
CA GLU B 303 -0.70 2.57 6.71
C GLU B 303 -0.67 1.15 6.02
N ALA B 304 -0.46 0.09 6.82
CA ALA B 304 -0.24 -1.27 6.28
C ALA B 304 -1.54 -2.05 6.14
N HIS B 305 -2.49 -1.82 7.06
CA HIS B 305 -3.66 -2.69 7.24
C HIS B 305 -4.94 -2.01 6.89
N MET B 306 -4.97 -0.65 6.89
CA MET B 306 -6.21 0.09 6.41
C MET B 306 -5.71 1.23 5.47
N PRO B 307 -4.93 0.88 4.42
CA PRO B 307 -4.20 1.91 3.65
C PRO B 307 -5.12 3.00 3.07
N ASP B 308 -6.35 2.71 2.74
CA ASP B 308 -7.21 3.75 2.22
C ASP B 308 -7.52 4.86 3.24
N THR B 309 -7.43 4.58 4.56
CA THR B 309 -7.59 5.61 5.57
C THR B 309 -6.53 6.68 5.39
N ILE B 310 -5.35 6.33 4.94
CA ILE B 310 -4.30 7.30 4.68
C ILE B 310 -4.35 7.87 3.29
N ILE B 311 -4.71 7.05 2.31
CA ILE B 311 -4.64 7.46 0.90
C ILE B 311 -5.75 8.50 0.63
N MET B 312 -6.93 8.25 1.18
CA MET B 312 -8.11 8.94 0.68
CA MET B 312 -8.13 8.94 0.69
C MET B 312 -8.13 10.41 1.03
N PRO B 313 -7.98 10.75 2.33
CA PRO B 313 -7.96 9.98 3.54
C PRO B 313 -9.36 9.86 4.11
N TYR B 314 -9.58 8.93 5.02
CA TYR B 314 -10.84 8.85 5.74
C TYR B 314 -10.55 8.28 7.11
N THR B 315 -11.54 8.39 8.00
CA THR B 315 -11.36 7.88 9.36
C THR B 315 -12.29 6.72 9.58
N SER B 316 -11.75 5.60 10.01
CA SER B 316 -12.57 4.42 10.30
C SER B 316 -13.48 4.64 11.51
N GLU B 317 -14.72 4.13 11.47
CA GLU B 317 -15.52 4.08 12.71
C GLU B 317 -14.98 2.96 13.56
N VAL B 318 -15.20 3.06 14.86
CA VAL B 318 -14.72 2.11 15.83
C VAL B 318 -15.90 1.67 16.69
N LEU B 319 -16.05 0.36 16.91
CA LEU B 319 -17.22 -0.14 17.63
C LEU B 319 -17.21 0.39 19.06
N ASN B 320 -18.39 0.87 19.50
CA ASN B 320 -18.61 1.53 20.80
C ASN B 320 -17.79 2.80 21.01
N ALA B 321 -17.44 3.50 19.93
CA ALA B 321 -16.73 4.75 20.04
C ALA B 321 -17.32 5.73 19.02
N ARG B 322 -16.99 7.00 19.24
CA ARG B 322 -17.37 8.08 18.30
C ARG B 322 -16.12 8.81 17.87
N ILE B 323 -16.05 9.18 16.62
CA ILE B 323 -14.89 9.94 16.15
C ILE B 323 -14.96 11.37 16.69
N LEU B 324 -13.89 11.83 17.34
CA LEU B 324 -13.81 13.23 17.82
C LEU B 324 -13.00 14.15 16.83
N ALA B 325 -11.86 13.62 16.36
CA ALA B 325 -11.01 14.34 15.40
C ALA B 325 -10.27 13.36 14.52
N THR B 326 -9.95 13.82 13.32
CA THR B 326 -9.23 12.96 12.36
C THR B 326 -7.75 13.07 12.64
N ARG B 327 -7.00 12.18 11.99
CA ARG B 327 -5.52 12.23 12.07
C ARG B 327 -5.00 13.50 11.48
N GLU B 328 -5.73 14.07 10.51
CA GLU B 328 -5.40 15.37 9.94
C GLU B 328 -5.86 16.58 10.79
N ASN B 329 -6.31 16.33 12.02
CA ASN B 329 -6.76 17.37 12.97
C ASN B 329 -7.99 18.10 12.50
N GLU B 330 -8.86 17.46 11.75
CA GLU B 330 -10.16 18.05 11.50
C GLU B 330 -11.10 17.70 12.70
N LYS B 331 -11.76 18.67 13.28
CA LYS B 331 -12.65 18.43 14.41
C LYS B 331 -13.93 17.87 13.86
N ILE B 332 -14.35 16.73 14.38
CA ILE B 332 -15.59 16.07 13.96
C ILE B 332 -16.70 16.17 15.02
N SER B 333 -16.37 16.01 16.30
CA SER B 333 -17.37 16.24 17.39
C SER B 333 -16.66 16.56 18.68
N ASP B 334 -17.44 16.89 19.69
CA ASP B 334 -16.91 17.25 21.01
C ASP B 334 -17.17 16.07 21.94
N LEU B 335 -16.29 15.90 22.90
CA LEU B 335 -16.46 14.94 23.98
C LEU B 335 -17.71 15.26 24.81
N LYS B 336 -18.50 14.25 25.15
CA LYS B 336 -19.68 14.43 26.00
C LYS B 336 -19.34 14.03 27.43
N GLU B 337 -20.29 14.22 28.34
CA GLU B 337 -20.10 13.77 29.70
C GLU B 337 -19.96 12.25 29.77
N ASN B 338 -19.13 11.81 30.69
CA ASN B 338 -18.94 10.42 30.95
C ASN B 338 -18.31 9.75 29.73
N GLU B 339 -17.57 10.51 28.93
CA GLU B 339 -16.76 9.92 27.84
C GLU B 339 -15.26 10.16 28.12
N PHE B 340 -14.44 9.37 27.43
CA PHE B 340 -13.01 9.37 27.59
C PHE B 340 -12.38 9.34 26.21
N ALA B 341 -11.53 10.34 25.95
CA ALA B 341 -10.89 10.51 24.65
C ALA B 341 -9.54 9.79 24.62
N TYR B 342 -9.29 9.10 23.50
CA TYR B 342 -7.98 8.48 23.20
C TYR B 342 -7.60 8.73 21.76
N LEU B 343 -6.34 9.01 21.52
CA LEU B 343 -5.76 8.79 20.20
C LEU B 343 -5.54 7.28 19.98
N LEU B 344 -6.03 6.73 18.89
CA LEU B 344 -5.74 5.36 18.52
C LEU B 344 -4.62 5.40 17.51
N THR B 345 -3.58 4.60 17.75
CA THR B 345 -2.37 4.65 16.95
C THR B 345 -1.84 3.26 16.65
N GLY B 346 -0.94 3.17 15.68
CA GLY B 346 -0.50 1.87 15.23
C GLY B 346 0.91 1.52 15.61
N ASN B 347 1.31 0.36 15.12
CA ASN B 347 2.54 -0.28 15.53
C ASN B 347 3.73 -0.13 14.56
N THR B 348 3.57 0.61 13.44
CA THR B 348 4.68 0.86 12.57
C THR B 348 5.51 1.89 13.31
N CYS B 349 6.71 2.05 12.86
CA CYS B 349 7.59 3.11 13.37
C CYS B 349 7.27 4.53 12.81
N LEU B 350 6.27 4.70 11.97
CA LEU B 350 5.98 6.01 11.39
C LEU B 350 5.29 6.93 12.39
N ALA B 351 5.63 8.21 12.34
CA ALA B 351 5.10 9.23 13.22
C ALA B 351 3.60 9.37 12.96
N GLY B 352 3.19 9.25 11.71
CA GLY B 352 1.81 9.51 11.36
C GLY B 352 0.89 8.28 11.25
N ASP B 353 1.28 7.16 11.89
CA ASP B 353 0.44 5.93 11.94
C ASP B 353 -0.60 6.11 13.06
N VAL B 354 -1.61 6.92 12.76
CA VAL B 354 -2.56 7.40 13.78
C VAL B 354 -3.93 7.24 13.18
N MET B 355 -4.82 6.53 13.82
CA MET B 355 -6.16 6.33 13.22
C MET B 355 -7.10 7.55 13.42
N GLY B 356 -6.92 8.28 14.52
CA GLY B 356 -7.83 9.33 14.89
C GLY B 356 -7.95 9.51 16.38
N GLU B 357 -8.80 10.47 16.77
CA GLU B 357 -9.16 10.67 18.13
C GLU B 357 -10.61 10.26 18.32
N TYR B 358 -10.84 9.39 19.30
CA TYR B 358 -12.06 8.71 19.50
C TYR B 358 -12.55 8.86 20.97
N ALA B 359 -13.87 8.94 21.15
CA ALA B 359 -14.48 9.01 22.44
C ALA B 359 -15.05 7.62 22.78
N PHE B 360 -14.65 7.10 23.92
CA PHE B 360 -15.23 5.85 24.43
C PHE B 360 -16.07 6.13 25.68
N ASP B 361 -16.88 5.18 26.12
CA ASP B 361 -17.67 5.39 27.32
C ASP B 361 -17.12 4.65 28.54
N LYS B 362 -15.92 4.09 28.39
CA LYS B 362 -15.15 3.53 29.49
C LYS B 362 -13.67 3.72 29.19
N LYS B 363 -12.82 3.65 30.20
CA LYS B 363 -11.38 3.75 29.98
C LYS B 363 -10.79 2.51 29.33
N LEU B 364 -9.86 2.69 28.41
CA LEU B 364 -9.17 1.56 27.75
C LEU B 364 -8.11 0.95 28.66
N LYS B 365 -7.92 -0.35 28.56
CA LYS B 365 -6.85 -1.02 29.29
C LYS B 365 -6.02 -1.82 28.31
N ILE B 366 -4.78 -2.06 28.67
CA ILE B 366 -3.93 -2.94 27.88
C ILE B 366 -4.63 -4.28 27.77
N GLY B 367 -4.63 -4.82 26.57
CA GLY B 367 -5.33 -6.04 26.30
C GLY B 367 -6.75 -5.94 25.80
N ASP B 368 -7.34 -4.76 25.92
CA ASP B 368 -8.65 -4.55 25.29
C ASP B 368 -8.58 -4.68 23.79
N LYS B 369 -9.65 -5.17 23.21
CA LYS B 369 -9.79 -5.31 21.76
C LYS B 369 -10.44 -4.01 21.20
N ILE B 370 -9.89 -3.44 20.13
CA ILE B 370 -10.47 -2.34 19.40
C ILE B 370 -10.98 -2.89 18.05
N VAL B 371 -12.22 -2.57 17.71
CA VAL B 371 -12.86 -3.12 16.52
C VAL B 371 -13.07 -2.00 15.52
N PHE B 372 -12.27 -2.01 14.45
CA PHE B 372 -12.41 -1.07 13.36
C PHE B 372 -13.50 -1.61 12.47
N LEU B 373 -14.55 -0.80 12.26
CA LEU B 373 -15.75 -1.21 11.54
C LEU B 373 -15.60 -1.17 10.02
N ASP B 374 -16.14 -2.21 9.36
CA ASP B 374 -16.29 -2.24 7.92
C ASP B 374 -14.96 -2.19 7.19
N GLN B 375 -14.19 -3.25 7.35
CA GLN B 375 -12.82 -3.26 6.96
C GLN B 375 -12.50 -4.52 6.13
N ILE B 376 -13.49 -5.07 5.42
CA ILE B 376 -13.20 -6.26 4.58
C ILE B 376 -13.02 -5.89 3.10
N HIS B 377 -13.63 -4.81 2.65
CA HIS B 377 -13.47 -4.34 1.25
C HIS B 377 -12.39 -3.28 1.15
N TYR B 378 -11.59 -3.33 0.07
CA TYR B 378 -10.55 -2.37 -0.20
C TYR B 378 -9.56 -2.24 0.95
N THR B 379 -9.29 -3.38 1.62
CA THR B 379 -8.36 -3.44 2.71
C THR B 379 -7.30 -4.52 2.49
N ILE B 380 -7.72 -5.76 2.70
CA ILE B 380 -6.96 -6.97 2.48
C ILE B 380 -6.27 -6.97 1.11
N VAL B 381 -7.03 -6.62 0.06
CA VAL B 381 -6.56 -6.68 -1.33
C VAL B 381 -5.42 -5.74 -1.58
N LYS B 382 -5.19 -4.80 -0.68
CA LYS B 382 -4.26 -3.70 -0.86
C LYS B 382 -3.32 -3.51 0.29
N ASN B 383 -3.27 -4.43 1.19
CA ASN B 383 -2.49 -4.28 2.40
C ASN B 383 -1.03 -4.65 2.17
N THR B 384 -0.19 -4.39 3.17
CA THR B 384 1.24 -4.53 2.99
C THR B 384 1.87 -5.14 4.22
N THR B 385 3.15 -5.48 4.06
CA THR B 385 4.02 -5.92 5.13
C THR B 385 5.09 -4.87 5.47
N PHE B 386 4.74 -3.63 5.21
CA PHE B 386 5.60 -2.52 5.45
C PHE B 386 6.14 -2.56 6.91
N ASN B 387 7.42 -2.27 7.09
CA ASN B 387 8.06 -2.30 8.39
C ASN B 387 8.04 -3.72 9.00
N GLY B 388 7.76 -4.72 8.21
CA GLY B 388 7.70 -6.06 8.73
C GLY B 388 6.63 -6.32 9.76
N ILE B 389 5.56 -5.53 9.72
CA ILE B 389 4.48 -5.61 10.64
C ILE B 389 3.76 -6.87 10.36
N ARG B 390 3.45 -7.63 11.42
CA ARG B 390 2.67 -8.84 11.32
C ARG B 390 1.31 -8.58 10.73
N LEU B 391 1.01 -9.31 9.66
CA LEU B 391 -0.21 -9.14 8.93
C LEU B 391 -1.39 -9.63 9.78
N PRO B 392 -2.54 -8.99 9.63
CA PRO B 392 -3.72 -9.57 10.27
C PRO B 392 -4.18 -10.87 9.55
N ASN B 393 -4.43 -11.92 10.35
CA ASN B 393 -4.98 -13.16 9.83
C ASN B 393 -6.37 -12.95 9.23
N LEU B 394 -6.73 -13.80 8.29
CA LEU B 394 -8.08 -13.74 7.72
C LEU B 394 -8.91 -14.81 8.39
N MET B 395 -10.08 -14.41 8.91
CA MET B 395 -10.96 -15.33 9.64
C MET B 395 -12.40 -15.15 9.23
N LEU B 396 -13.18 -16.18 9.45
CA LEU B 396 -14.57 -16.14 9.03
C LEU B 396 -15.41 -16.56 10.23
N LEU B 397 -16.40 -15.75 10.60
CA LEU B 397 -17.37 -16.14 11.59
C LEU B 397 -18.56 -16.76 10.87
N ASP B 398 -18.73 -18.06 11.04
CA ASP B 398 -19.64 -18.80 10.15
C ASP B 398 -21.07 -18.73 10.66
N HIS B 399 -22.01 -19.35 9.96
CA HIS B 399 -23.45 -19.20 10.32
C HIS B 399 -23.80 -19.79 11.69
N LYS B 400 -22.90 -20.62 12.22
CA LYS B 400 -23.12 -21.26 13.53
C LYS B 400 -22.38 -20.48 14.60
N ASN B 401 -21.87 -19.31 14.24
CA ASN B 401 -21.09 -18.49 15.16
C ASN B 401 -19.78 -19.11 15.61
N GLU B 402 -19.22 -19.94 14.74
CA GLU B 402 -17.90 -20.48 14.97
C GLU B 402 -16.87 -19.72 14.11
N LEU B 403 -15.79 -19.30 14.76
CA LEU B 403 -14.70 -18.62 14.14
C LEU B 403 -13.80 -19.63 13.43
N GLN B 404 -13.47 -19.37 12.17
CA GLN B 404 -12.73 -20.28 11.32
C GLN B 404 -11.52 -19.54 10.82
N MET B 405 -10.34 -20.15 10.92
CA MET B 405 -9.13 -19.52 10.41
C MET B 405 -9.08 -19.78 8.93
N ILE B 406 -8.94 -18.73 8.12
CA ILE B 406 -8.99 -18.90 6.66
C ILE B 406 -7.55 -18.75 6.16
N ARG B 407 -6.84 -17.69 6.57
CA ARG B 407 -5.37 -17.64 6.33
C ARG B 407 -4.66 -17.15 7.57
N GLU B 408 -3.62 -17.87 7.98
CA GLU B 408 -2.73 -17.43 9.02
C GLU B 408 -1.38 -17.16 8.34
N PHE B 409 -0.90 -15.95 8.44
CA PHE B 409 0.27 -15.51 7.71
C PHE B 409 1.48 -15.78 8.57
N SER B 410 2.69 -15.63 8.02
CA SER B 410 3.92 -15.96 8.77
C SER B 410 5.00 -15.07 8.21
N TYR B 411 6.20 -15.16 8.78
CA TYR B 411 7.39 -14.45 8.38
C TYR B 411 7.66 -14.51 6.87
N LYS B 412 7.43 -15.65 6.26
CA LYS B 412 7.68 -15.77 4.81
C LYS B 412 6.82 -14.86 3.89
N ASP B 413 5.65 -14.44 4.37
CA ASP B 413 4.81 -13.50 3.61
C ASP B 413 5.50 -12.15 3.40
N TYR B 414 6.31 -11.78 4.39
CA TYR B 414 7.21 -10.63 4.35
C TYR B 414 8.55 -10.91 3.64
N SER B 415 9.29 -11.94 4.10
CA SER B 415 10.65 -12.14 3.62
C SER B 415 10.71 -12.44 2.12
N LEU B 416 9.74 -13.17 1.61
CA LEU B 416 9.78 -13.60 0.17
C LEU B 416 9.21 -12.52 -0.75
N ARG B 417 8.80 -11.40 -0.21
CA ARG B 417 8.35 -10.23 -0.97
C ARG B 417 9.42 -9.12 -0.97
N ASN B 418 10.61 -9.41 -0.39
CA ASN B 418 11.74 -8.45 -0.33
C ASN B 418 13.11 -8.99 -0.94
#